data_9G0W
#
_entry.id   9G0W
#
_cell.length_a   1.00
_cell.length_b   1.00
_cell.length_c   1.00
_cell.angle_alpha   90.00
_cell.angle_beta   90.00
_cell.angle_gamma   90.00
#
_symmetry.space_group_name_H-M   'P 1'
#
loop_
_entity.id
_entity.type
_entity.pdbx_description
1 polymer 'Auxin efflux carrier component 8'
2 non-polymer '(2,4-DICHLOROPHENOXY)ACETIC ACID'
3 non-polymer 'DIMETHYL SULFOXIDE'
4 non-polymer 1,2-DILINOLEOYL-SN-GLYCERO-3-PHOSPHOCHOLINE
5 water water
#
_entity_poly.entity_id   1
_entity_poly.type   'polypeptide(L)'
_entity_poly.pdbx_seq_one_letter_code
;MGISWLDIYHVVSATVPLYVSMTLGFLSARHLKLFSPEQCAGINKFVAKFSIPLLSFQIISENNPFKMSPKLILSDILQK
FLVVVVLAMVLRFWHPTGGRGGKLGWVITGLSISVLPNTLILGMPILSAIYGDEAASILEQIVVLQSLIWYTILLFLFEL
NAARALPSSGASLEHTGNDQEEANIEDEPKEEEDEEEVAIVRTRSVGTMKILLKAWRKLIINPNTYATLIGIIWATLHFR
LGWNLPEMIDKSIHLLSDGGLGMAMFSLGLFMASQSSIIACGTKMAIITMLLKFVLGPALMIASAYCIRLKSTLFKVAIL
QAALPQGVVPFVFAKEYNLHPEIISTGVIFGMLIALPTTLAYYFLLDLPGENLYFQ
;
_entity_poly.pdbx_strand_id   B,A
#
loop_
_chem_comp.id
_chem_comp.type
_chem_comp.name
_chem_comp.formula
CFA non-polymer '(2,4-DICHLOROPHENOXY)ACETIC ACID' 'C8 H6 Cl2 O3'
DLP non-polymer 1,2-DILINOLEOYL-SN-GLYCERO-3-PHOSPHOCHOLINE 'C44 H80 N O8 P'
DMS non-polymer 'DIMETHYL SULFOXIDE' 'C2 H6 O S'
#
# COMPACT_ATOMS: atom_id res chain seq x y z
N ILE A 3 28.96 -7.47 20.16
CA ILE A 3 27.68 -6.82 19.89
C ILE A 3 27.80 -5.29 20.04
N SER A 4 28.27 -4.65 18.97
CA SER A 4 28.45 -3.20 18.98
C SER A 4 27.13 -2.51 19.32
N TRP A 5 27.21 -1.50 20.17
CA TRP A 5 26.02 -0.77 20.58
C TRP A 5 25.28 -0.19 19.37
N LEU A 6 26.01 0.23 18.34
CA LEU A 6 25.38 0.75 17.14
C LEU A 6 24.62 -0.32 16.37
N ASP A 7 24.92 -1.60 16.61
CA ASP A 7 24.17 -2.68 15.98
C ASP A 7 22.78 -2.88 16.59
N ILE A 8 22.61 -2.56 17.87
CA ILE A 8 21.28 -2.54 18.46
C ILE A 8 20.41 -1.45 17.85
N TYR A 9 21.01 -0.32 17.45
CA TYR A 9 20.24 0.71 16.75
C TYR A 9 19.66 0.15 15.45
N HIS A 10 20.41 -0.70 14.75
CA HIS A 10 19.90 -1.28 13.52
C HIS A 10 18.67 -2.14 13.79
N VAL A 11 18.74 -2.98 14.83
CA VAL A 11 17.61 -3.84 15.16
C VAL A 11 16.40 -3.01 15.55
N VAL A 12 16.61 -1.99 16.38
CA VAL A 12 15.50 -1.15 16.81
C VAL A 12 14.91 -0.41 15.63
N SER A 13 15.74 0.03 14.68
CA SER A 13 15.23 0.76 13.52
C SER A 13 14.49 -0.17 12.57
N ALA A 14 14.89 -1.44 12.52
CA ALA A 14 14.16 -2.41 11.72
C ALA A 14 12.85 -2.82 12.37
N THR A 15 12.75 -2.76 13.69
CA THR A 15 11.54 -3.18 14.40
C THR A 15 10.53 -2.06 14.56
N VAL A 16 10.97 -0.81 14.81
CA VAL A 16 10.02 0.26 15.12
C VAL A 16 9.04 0.51 13.98
N PRO A 17 9.46 0.59 12.72
CA PRO A 17 8.48 0.83 11.65
C PRO A 17 7.37 -0.20 11.60
N LEU A 18 7.67 -1.46 11.90
CA LEU A 18 6.64 -2.48 11.96
C LEU A 18 5.68 -2.28 13.13
N TYR A 19 6.06 -1.45 14.10
CA TYR A 19 5.17 -1.09 15.20
C TYR A 19 4.43 0.22 14.98
N VAL A 20 4.96 1.13 14.17
CA VAL A 20 4.27 2.40 13.93
C VAL A 20 2.93 2.14 13.24
N SER A 21 2.95 1.33 12.17
CA SER A 21 1.72 1.03 11.46
C SER A 21 0.75 0.25 12.34
N MET A 22 1.27 -0.70 13.11
CA MET A 22 0.43 -1.49 14.01
C MET A 22 -0.25 -0.59 15.03
N THR A 23 0.49 0.33 15.62
CA THR A 23 -0.10 1.32 16.51
C THR A 23 -1.20 2.07 15.79
N LEU A 24 -0.85 2.79 14.73
CA LEU A 24 -1.84 3.52 13.94
C LEU A 24 -3.12 2.71 13.76
N GLY A 25 -2.99 1.44 13.39
CA GLY A 25 -4.16 0.61 13.19
C GLY A 25 -4.95 0.38 14.46
N PHE A 26 -4.25 0.07 15.56
CA PHE A 26 -4.93 -0.17 16.83
C PHE A 26 -5.68 1.08 17.28
N LEU A 27 -5.04 2.24 17.19
CA LEU A 27 -5.67 3.49 17.56
C LEU A 27 -6.88 3.78 16.69
N SER A 28 -6.76 3.53 15.37
CA SER A 28 -7.87 3.77 14.48
C SER A 28 -9.05 2.87 14.80
N ALA A 29 -8.78 1.60 15.12
CA ALA A 29 -9.87 0.66 15.36
C ALA A 29 -10.55 0.91 16.71
N ARG A 30 -9.76 1.19 17.76
CA ARG A 30 -10.29 1.26 19.11
C ARG A 30 -10.69 2.67 19.52
N HIS A 31 -9.74 3.61 19.55
CA HIS A 31 -10.03 4.94 20.04
C HIS A 31 -10.85 5.76 19.05
N LEU A 32 -10.51 5.70 17.76
CA LEU A 32 -11.21 6.48 16.76
C LEU A 32 -12.49 5.82 16.27
N LYS A 33 -12.68 4.53 16.54
CA LYS A 33 -13.85 3.79 16.08
C LYS A 33 -14.10 4.05 14.60
N LEU A 34 -13.02 3.96 13.83
CA LEU A 34 -13.06 4.32 12.42
C LEU A 34 -13.39 3.13 11.52
N PHE A 35 -12.95 1.94 11.87
CA PHE A 35 -13.14 0.75 11.06
C PHE A 35 -14.05 -0.25 11.78
N SER A 36 -15.12 -0.65 11.12
CA SER A 36 -15.99 -1.69 11.62
C SER A 36 -15.37 -3.06 11.40
N PRO A 37 -15.85 -4.08 12.11
CA PRO A 37 -15.26 -5.42 11.92
C PRO A 37 -15.30 -5.90 10.49
N GLU A 38 -16.39 -5.63 9.77
CA GLU A 38 -16.46 -6.03 8.37
C GLU A 38 -15.40 -5.32 7.54
N GLN A 39 -15.17 -4.04 7.80
CA GLN A 39 -14.16 -3.31 7.04
C GLN A 39 -12.76 -3.84 7.34
N CYS A 40 -12.48 -4.18 8.60
CA CYS A 40 -11.20 -4.79 8.94
C CYS A 40 -11.03 -6.12 8.24
N ALA A 41 -12.09 -6.94 8.20
CA ALA A 41 -12.03 -8.20 7.50
C ALA A 41 -11.75 -7.99 6.01
N GLY A 42 -12.38 -6.96 5.42
CA GLY A 42 -12.13 -6.67 4.02
C GLY A 42 -10.70 -6.24 3.76
N ILE A 43 -10.14 -5.40 4.63
CA ILE A 43 -8.76 -4.97 4.47
C ILE A 43 -7.83 -6.17 4.58
N ASN A 44 -8.08 -7.05 5.55
CA ASN A 44 -7.24 -8.24 5.68
C ASN A 44 -7.38 -9.15 4.47
N LYS A 45 -8.59 -9.27 3.92
CA LYS A 45 -8.77 -10.07 2.71
C LYS A 45 -7.99 -9.49 1.55
N PHE A 46 -8.00 -8.16 1.40
CA PHE A 46 -7.19 -7.53 0.37
C PHE A 46 -5.72 -7.84 0.57
N VAL A 47 -5.24 -7.76 1.82
CA VAL A 47 -3.85 -8.06 2.10
C VAL A 47 -3.53 -9.49 1.71
N ALA A 48 -4.41 -10.43 2.05
CA ALA A 48 -4.16 -11.84 1.82
C ALA A 48 -4.33 -12.26 0.37
N LYS A 49 -5.04 -11.47 -0.44
CA LYS A 49 -5.36 -11.85 -1.81
C LYS A 49 -4.55 -11.09 -2.86
N PHE A 50 -4.02 -9.92 -2.54
CA PHE A 50 -3.33 -9.10 -3.54
C PHE A 50 -1.90 -8.76 -3.15
N SER A 51 -1.64 -8.47 -1.86
CA SER A 51 -0.31 -8.07 -1.46
C SER A 51 0.60 -9.29 -1.25
N ILE A 52 0.13 -10.27 -0.49
CA ILE A 52 0.96 -11.44 -0.19
C ILE A 52 1.31 -12.21 -1.45
N PRO A 53 0.37 -12.51 -2.36
CA PRO A 53 0.77 -13.23 -3.58
C PRO A 53 1.80 -12.50 -4.41
N LEU A 54 1.67 -11.18 -4.56
CA LEU A 54 2.65 -10.43 -5.34
C LEU A 54 4.00 -10.39 -4.65
N LEU A 55 4.00 -10.22 -3.33
CA LEU A 55 5.27 -10.26 -2.60
C LEU A 55 5.95 -11.62 -2.75
N SER A 56 5.17 -12.70 -2.67
CA SER A 56 5.73 -14.03 -2.86
C SER A 56 6.29 -14.19 -4.27
N PHE A 57 5.58 -13.69 -5.27
CA PHE A 57 6.07 -13.77 -6.64
C PHE A 57 7.39 -13.04 -6.79
N GLN A 58 7.48 -11.83 -6.23
CA GLN A 58 8.72 -11.08 -6.34
C GLN A 58 9.86 -11.79 -5.61
N ILE A 59 9.59 -12.35 -4.43
CA ILE A 59 10.63 -13.06 -3.70
C ILE A 59 11.11 -14.27 -4.50
N ILE A 60 10.18 -15.01 -5.11
CA ILE A 60 10.56 -16.24 -5.81
C ILE A 60 11.17 -15.97 -7.18
N SER A 61 10.90 -14.81 -7.78
CA SER A 61 11.37 -14.52 -9.13
C SER A 61 12.63 -13.67 -9.15
N GLU A 62 13.32 -13.54 -8.03
CA GLU A 62 14.54 -12.75 -7.93
C GLU A 62 15.62 -13.52 -7.18
N ASN A 63 15.77 -14.81 -7.51
CA ASN A 63 16.86 -15.62 -7.00
C ASN A 63 17.18 -16.71 -8.00
N ASN A 64 18.40 -17.24 -7.90
CA ASN A 64 18.85 -18.30 -8.79
C ASN A 64 18.31 -19.65 -8.32
N PRO A 65 17.34 -20.24 -9.00
CA PRO A 65 16.86 -21.57 -8.57
C PRO A 65 17.93 -22.62 -8.62
N PHE A 66 18.87 -22.52 -9.57
CA PHE A 66 19.93 -23.50 -9.73
C PHE A 66 21.17 -23.19 -8.91
N LYS A 67 21.23 -22.02 -8.27
CA LYS A 67 22.31 -21.67 -7.35
C LYS A 67 21.68 -21.50 -5.97
N MET A 68 21.56 -22.61 -5.25
CA MET A 68 20.88 -22.62 -3.97
C MET A 68 21.46 -23.75 -3.13
N SER A 69 21.97 -23.41 -1.95
CA SER A 69 22.64 -24.38 -1.09
C SER A 69 21.71 -25.56 -0.79
N PRO A 70 21.97 -26.75 -1.34
CA PRO A 70 21.10 -27.89 -1.03
C PRO A 70 21.10 -28.25 0.44
N LYS A 71 22.21 -28.05 1.14
CA LYS A 71 22.25 -28.34 2.57
C LYS A 71 21.24 -27.47 3.32
N LEU A 72 21.12 -26.20 2.93
CA LEU A 72 20.13 -25.32 3.54
C LEU A 72 18.72 -25.83 3.31
N ILE A 73 18.42 -26.32 2.11
CA ILE A 73 17.09 -26.84 1.82
C ILE A 73 16.81 -28.06 2.67
N LEU A 74 17.77 -28.99 2.72
CA LEU A 74 17.56 -30.22 3.49
C LEU A 74 17.39 -29.92 4.97
N SER A 75 18.18 -28.98 5.51
CA SER A 75 18.06 -28.64 6.92
C SER A 75 16.68 -28.03 7.21
N ASP A 76 16.20 -27.15 6.34
CA ASP A 76 14.89 -26.54 6.56
C ASP A 76 13.79 -27.59 6.52
N ILE A 77 13.87 -28.51 5.55
CA ILE A 77 12.86 -29.56 5.45
C ILE A 77 12.89 -30.45 6.69
N LEU A 78 14.09 -30.80 7.15
CA LEU A 78 14.21 -31.63 8.35
C LEU A 78 13.65 -30.91 9.57
N GLN A 79 13.94 -29.61 9.70
CA GLN A 79 13.40 -28.84 10.83
C GLN A 79 11.88 -28.84 10.81
N LYS A 80 11.29 -28.60 9.63
CA LYS A 80 9.84 -28.57 9.55
C LYS A 80 9.24 -29.94 9.88
N PHE A 81 9.82 -31.01 9.35
CA PHE A 81 9.31 -32.34 9.64
C PHE A 81 9.42 -32.67 11.12
N LEU A 82 10.55 -32.33 11.74
CA LEU A 82 10.72 -32.58 13.17
C LEU A 82 9.71 -31.80 14.00
N VAL A 83 9.48 -30.54 13.63
CA VAL A 83 8.51 -29.73 14.35
C VAL A 83 7.12 -30.34 14.23
N VAL A 84 6.75 -30.77 13.02
CA VAL A 84 5.44 -31.38 12.83
C VAL A 84 5.31 -32.63 13.68
N VAL A 85 6.35 -33.48 13.68
CA VAL A 85 6.28 -34.73 14.45
C VAL A 85 6.16 -34.43 15.93
N VAL A 86 6.95 -33.47 16.44
CA VAL A 86 6.90 -33.15 17.85
C VAL A 86 5.54 -32.60 18.24
N LEU A 87 4.97 -31.72 17.41
CA LEU A 87 3.66 -31.17 17.72
C LEU A 87 2.59 -32.26 17.71
N ALA A 88 2.66 -33.17 16.74
CA ALA A 88 1.70 -34.28 16.71
C ALA A 88 1.82 -35.14 17.95
N MET A 89 3.05 -35.44 18.37
CA MET A 89 3.25 -36.27 19.55
C MET A 89 2.72 -35.59 20.80
N VAL A 90 3.01 -34.30 20.96
CA VAL A 90 2.59 -33.59 22.16
C VAL A 90 1.08 -33.44 22.21
N LEU A 91 0.47 -33.08 21.07
CA LEU A 91 -0.98 -32.88 21.06
C LEU A 91 -1.72 -34.17 21.37
N ARG A 92 -1.14 -35.31 21.00
CA ARG A 92 -1.77 -36.59 21.29
C ARG A 92 -1.98 -36.80 22.79
N PHE A 93 -1.16 -36.17 23.63
CA PHE A 93 -1.27 -36.31 25.08
C PHE A 93 -1.62 -35.01 25.79
N TRP A 94 -1.65 -33.88 25.08
CA TRP A 94 -1.85 -32.58 25.69
C TRP A 94 -2.97 -31.84 24.99
N HIS A 95 -3.79 -31.17 25.81
CA HIS A 95 -4.88 -30.33 25.31
C HIS A 95 -5.70 -31.03 24.22
N GLY A 101 -11.02 -32.35 21.19
CA GLY A 101 -11.04 -32.51 19.74
C GLY A 101 -10.38 -31.35 19.02
N GLY A 102 -10.58 -31.27 17.71
CA GLY A 102 -9.99 -30.22 16.91
C GLY A 102 -8.48 -30.22 17.00
N LYS A 103 -7.87 -31.40 16.92
CA LYS A 103 -6.42 -31.50 17.03
C LYS A 103 -5.72 -30.90 15.83
N LEU A 104 -6.28 -31.04 14.63
CA LEU A 104 -5.64 -30.51 13.43
C LEU A 104 -5.52 -29.00 13.47
N GLY A 105 -6.49 -28.31 14.09
CA GLY A 105 -6.41 -26.87 14.19
C GLY A 105 -5.23 -26.37 14.99
N TRP A 106 -4.72 -27.20 15.91
CA TRP A 106 -3.57 -26.82 16.70
C TRP A 106 -2.25 -27.14 16.02
N VAL A 107 -2.22 -28.16 15.15
CA VAL A 107 -1.01 -28.43 14.39
C VAL A 107 -0.67 -27.27 13.47
N ILE A 108 -1.67 -26.68 12.82
CA ILE A 108 -1.42 -25.51 11.99
C ILE A 108 -1.01 -24.30 12.83
N THR A 109 -1.68 -24.06 13.95
CA THR A 109 -1.31 -22.96 14.83
C THR A 109 0.06 -23.14 15.45
N GLY A 110 0.59 -24.36 15.47
CA GLY A 110 1.94 -24.59 15.95
C GLY A 110 2.97 -24.27 14.90
N LEU A 111 2.73 -24.72 13.67
CA LEU A 111 3.63 -24.40 12.56
C LEU A 111 3.62 -22.92 12.23
N SER A 112 2.53 -22.22 12.50
CA SER A 112 2.44 -20.79 12.22
C SER A 112 3.18 -19.94 13.25
N ILE A 113 3.64 -20.54 14.34
CA ILE A 113 4.34 -19.82 15.39
C ILE A 113 5.67 -20.50 15.72
N SER A 114 6.01 -21.54 14.97
CA SER A 114 7.22 -22.30 15.23
C SER A 114 8.20 -22.28 14.06
N VAL A 115 7.74 -22.60 12.85
CA VAL A 115 8.61 -22.82 11.71
C VAL A 115 8.42 -21.77 10.63
N LEU A 116 7.89 -20.59 10.97
CA LEU A 116 7.69 -19.51 10.01
C LEU A 116 8.22 -18.21 10.61
N PRO A 117 9.55 -18.03 10.61
CA PRO A 117 10.12 -16.77 11.13
C PRO A 117 9.86 -15.59 10.21
N ASN A 118 10.43 -14.43 10.55
CA ASN A 118 10.23 -13.20 9.79
C ASN A 118 11.56 -12.69 9.26
N THR A 119 12.36 -13.57 8.66
CA THR A 119 13.71 -13.20 8.25
C THR A 119 13.74 -12.09 7.22
N LEU A 120 12.66 -11.88 6.47
CA LEU A 120 12.66 -10.85 5.44
C LEU A 120 12.89 -9.46 6.02
N ILE A 121 12.19 -9.13 7.10
CA ILE A 121 12.23 -7.76 7.62
C ILE A 121 13.27 -7.69 8.73
N LEU A 122 13.06 -8.45 9.80
CA LEU A 122 13.94 -8.41 10.96
C LEU A 122 15.18 -9.27 10.78
N GLY A 123 15.23 -10.13 9.78
CA GLY A 123 16.37 -11.01 9.59
C GLY A 123 17.53 -10.35 8.88
N MET A 124 17.26 -9.74 7.72
CA MET A 124 18.34 -9.16 6.93
C MET A 124 19.15 -8.14 7.72
N PRO A 125 18.55 -7.18 8.42
CA PRO A 125 19.35 -6.19 9.15
C PRO A 125 20.12 -6.81 10.30
N ILE A 126 19.46 -7.65 11.09
CA ILE A 126 20.11 -8.24 12.27
C ILE A 126 21.29 -9.09 11.83
N LEU A 127 21.06 -10.00 10.87
CA LEU A 127 22.13 -10.88 10.43
C LEU A 127 23.25 -10.11 9.74
N SER A 128 22.89 -9.11 8.92
CA SER A 128 23.91 -8.31 8.25
C SER A 128 24.79 -7.57 9.26
N ALA A 129 24.18 -7.02 10.31
CA ALA A 129 24.95 -6.34 11.34
C ALA A 129 25.81 -7.32 12.13
N ILE A 130 25.28 -8.52 12.40
CA ILE A 130 26.01 -9.48 13.22
C ILE A 130 26.92 -10.40 12.41
N TYR A 131 26.67 -10.56 11.12
CA TYR A 131 27.45 -11.46 10.27
C TYR A 131 27.76 -10.77 8.95
N GLY A 132 28.40 -11.50 8.05
CA GLY A 132 28.84 -10.96 6.78
C GLY A 132 27.74 -10.96 5.74
N ASP A 133 28.15 -10.64 4.50
CA ASP A 133 27.20 -10.54 3.41
C ASP A 133 26.56 -11.90 3.08
N GLU A 134 27.29 -12.99 3.30
CA GLU A 134 26.74 -14.31 3.00
C GLU A 134 25.44 -14.57 3.74
N ALA A 135 25.34 -14.06 4.97
CA ALA A 135 24.11 -14.22 5.73
C ALA A 135 22.92 -13.65 4.97
N ALA A 136 23.11 -12.56 4.24
CA ALA A 136 22.03 -11.99 3.44
C ALA A 136 21.54 -12.98 2.40
N SER A 137 22.47 -13.63 1.69
CA SER A 137 22.08 -14.62 0.69
C SER A 137 21.38 -15.81 1.34
N ILE A 138 21.88 -16.26 2.49
CA ILE A 138 21.25 -17.40 3.17
C ILE A 138 19.83 -17.06 3.57
N LEU A 139 19.63 -15.87 4.13
CA LEU A 139 18.29 -15.44 4.51
C LEU A 139 17.39 -15.30 3.29
N GLU A 140 17.94 -14.81 2.17
CA GLU A 140 17.16 -14.72 0.95
C GLU A 140 16.68 -16.09 0.52
N GLN A 141 17.58 -17.09 0.55
CA GLN A 141 17.20 -18.44 0.18
C GLN A 141 16.13 -18.99 1.12
N ILE A 142 16.28 -18.75 2.43
CA ILE A 142 15.30 -19.24 3.38
C ILE A 142 13.94 -18.61 3.11
N VAL A 143 13.89 -17.30 2.87
CA VAL A 143 12.62 -16.64 2.59
C VAL A 143 12.01 -17.18 1.32
N VAL A 144 12.82 -17.40 0.28
CA VAL A 144 12.28 -17.93 -0.96
C VAL A 144 11.66 -19.30 -0.72
N LEU A 145 12.35 -20.16 0.05
CA LEU A 145 11.79 -21.48 0.33
C LEU A 145 10.49 -21.38 1.12
N GLN A 146 10.43 -20.51 2.14
CA GLN A 146 9.23 -20.45 2.95
C GLN A 146 8.07 -19.79 2.21
N SER A 147 8.35 -18.95 1.23
CA SER A 147 7.31 -18.37 0.38
C SER A 147 6.94 -19.25 -0.80
N LEU A 148 7.75 -20.26 -1.12
CA LEU A 148 7.47 -21.16 -2.22
C LEU A 148 6.77 -22.44 -1.75
N ILE A 149 7.32 -23.13 -0.77
CA ILE A 149 6.82 -24.44 -0.36
C ILE A 149 6.00 -24.35 0.92
N TRP A 150 6.55 -23.73 1.97
CA TRP A 150 5.89 -23.75 3.26
C TRP A 150 4.65 -22.86 3.28
N TYR A 151 4.72 -21.68 2.67
CA TYR A 151 3.55 -20.81 2.64
C TYR A 151 2.41 -21.40 1.84
N THR A 152 2.69 -22.33 0.92
CA THR A 152 1.65 -23.01 0.17
C THR A 152 1.14 -24.24 0.92
N ILE A 153 2.02 -24.96 1.60
CA ILE A 153 1.59 -26.11 2.39
C ILE A 153 0.71 -25.64 3.54
N LEU A 154 1.04 -24.50 4.13
CA LEU A 154 0.19 -23.96 5.19
C LEU A 154 -1.20 -23.61 4.66
N LEU A 155 -1.26 -23.03 3.46
CA LEU A 155 -2.56 -22.72 2.87
C LEU A 155 -3.34 -23.99 2.57
N PHE A 156 -2.66 -25.03 2.09
CA PHE A 156 -3.33 -26.31 1.86
C PHE A 156 -3.89 -26.87 3.17
N LEU A 157 -3.10 -26.79 4.25
CA LEU A 157 -3.58 -27.27 5.53
C LEU A 157 -4.79 -26.46 6.01
N PHE A 158 -4.76 -25.15 5.81
CA PHE A 158 -5.90 -24.32 6.18
C PHE A 158 -7.14 -24.71 5.39
N GLU A 159 -6.98 -24.93 4.09
CA GLU A 159 -8.11 -25.35 3.27
C GLU A 159 -8.66 -26.70 3.75
N LEU A 160 -7.76 -27.64 4.06
CA LEU A 160 -8.20 -28.94 4.54
C LEU A 160 -8.96 -28.82 5.84
N ASN A 161 -8.47 -27.98 6.76
CA ASN A 161 -9.17 -27.79 8.02
C ASN A 161 -10.54 -27.17 7.80
N ALA A 162 -10.62 -26.16 6.92
CA ALA A 162 -11.90 -25.53 6.66
C ALA A 162 -12.89 -26.50 6.05
N ALA A 163 -12.42 -27.34 5.12
CA ALA A 163 -13.32 -28.30 4.47
C ALA A 163 -13.88 -29.30 5.48
N ARG A 164 -13.05 -29.74 6.42
CA ARG A 164 -13.52 -30.74 7.40
C ARG A 164 -14.68 -30.19 8.22
N ALA A 165 -14.60 -28.93 8.65
CA ALA A 165 -15.66 -28.32 9.43
C ALA A 165 -16.97 -28.31 8.65
N GLY A 207 -14.84 -41.31 2.55
CA GLY A 207 -15.27 -39.94 2.79
C GLY A 207 -14.11 -38.97 2.84
N THR A 208 -12.94 -39.47 3.27
CA THR A 208 -11.77 -38.60 3.35
C THR A 208 -11.35 -38.10 1.97
N MET A 209 -11.41 -38.97 0.96
CA MET A 209 -11.01 -38.57 -0.38
C MET A 209 -11.78 -37.34 -0.85
N LYS A 210 -13.07 -37.28 -0.51
CA LYS A 210 -13.86 -36.11 -0.90
C LYS A 210 -13.32 -34.84 -0.25
N ILE A 211 -12.93 -34.92 1.01
CA ILE A 211 -12.41 -33.74 1.70
C ILE A 211 -11.10 -33.28 1.06
N LEU A 212 -10.21 -34.24 0.75
CA LEU A 212 -8.96 -33.88 0.09
C LEU A 212 -9.19 -33.27 -1.28
N LEU A 213 -10.13 -33.83 -2.04
CA LEU A 213 -10.44 -33.27 -3.35
C LEU A 213 -10.99 -31.86 -3.23
N LYS A 214 -11.87 -31.63 -2.25
CA LYS A 214 -12.41 -30.29 -2.04
C LYS A 214 -11.31 -29.31 -1.65
N ALA A 215 -10.38 -29.74 -0.78
CA ALA A 215 -9.28 -28.87 -0.40
C ALA A 215 -8.40 -28.54 -1.60
N TRP A 216 -8.10 -29.53 -2.44
CA TRP A 216 -7.31 -29.25 -3.63
C TRP A 216 -8.04 -28.30 -4.58
N ARG A 217 -9.35 -28.50 -4.75
CA ARG A 217 -10.12 -27.63 -5.63
C ARG A 217 -10.11 -26.19 -5.13
N LYS A 218 -10.25 -26.00 -3.81
CA LYS A 218 -10.24 -24.65 -3.27
C LYS A 218 -8.83 -24.07 -3.28
N LEU A 219 -7.80 -24.92 -3.26
CA LEU A 219 -6.43 -24.42 -3.26
C LEU A 219 -6.02 -23.92 -4.64
N ILE A 220 -6.39 -24.64 -5.71
CA ILE A 220 -5.90 -24.32 -7.03
C ILE A 220 -6.34 -22.91 -7.44
N ILE A 221 -7.50 -22.46 -6.96
CA ILE A 221 -7.97 -21.11 -7.27
C ILE A 221 -7.37 -20.06 -6.35
N ASN A 222 -6.63 -20.47 -5.32
CA ASN A 222 -6.03 -19.50 -4.41
C ASN A 222 -4.98 -18.68 -5.14
N PRO A 223 -4.96 -17.35 -4.98
CA PRO A 223 -3.94 -16.55 -5.69
C PRO A 223 -2.52 -16.93 -5.31
N ASN A 224 -2.28 -17.35 -4.08
CA ASN A 224 -0.92 -17.62 -3.63
C ASN A 224 -0.28 -18.75 -4.43
N THR A 225 -1.03 -19.82 -4.70
CA THR A 225 -0.47 -20.95 -5.42
C THR A 225 -0.07 -20.56 -6.84
N TYR A 226 -0.95 -19.87 -7.56
CA TYR A 226 -0.62 -19.40 -8.89
C TYR A 226 0.55 -18.42 -8.87
N ALA A 227 0.60 -17.54 -7.88
CA ALA A 227 1.71 -16.60 -7.77
C ALA A 227 3.02 -17.36 -7.60
N THR A 228 3.04 -18.37 -6.73
CA THR A 228 4.27 -19.13 -6.51
C THR A 228 4.68 -19.89 -7.77
N LEU A 229 3.71 -20.53 -8.45
CA LEU A 229 4.04 -21.28 -9.66
C LEU A 229 4.60 -20.36 -10.73
N ILE A 230 3.94 -19.23 -10.97
CA ILE A 230 4.41 -18.30 -11.98
C ILE A 230 5.77 -17.74 -11.58
N GLY A 231 5.99 -17.51 -10.28
CA GLY A 231 7.26 -16.99 -9.83
C GLY A 231 8.40 -17.95 -10.10
N ILE A 232 8.20 -19.23 -9.77
CA ILE A 232 9.27 -20.21 -10.01
C ILE A 232 9.51 -20.38 -11.51
N ILE A 233 8.43 -20.42 -12.30
CA ILE A 233 8.59 -20.58 -13.74
C ILE A 233 9.37 -19.40 -14.32
N TRP A 234 9.00 -18.18 -13.91
CA TRP A 234 9.69 -17.00 -14.41
C TRP A 234 11.13 -16.95 -13.93
N ALA A 235 11.38 -17.39 -12.71
CA ALA A 235 12.76 -17.42 -12.22
C ALA A 235 13.61 -18.33 -13.09
N THR A 236 13.16 -19.56 -13.34
CA THR A 236 13.94 -20.48 -14.14
C THR A 236 14.11 -19.93 -15.56
N LEU A 237 13.04 -19.39 -16.14
CA LEU A 237 13.13 -18.86 -17.50
C LEU A 237 14.14 -17.71 -17.57
N HIS A 238 14.06 -16.78 -16.63
CA HIS A 238 14.91 -15.59 -16.67
C HIS A 238 16.36 -15.94 -16.40
N PHE A 239 16.63 -16.93 -15.54
CA PHE A 239 17.99 -17.29 -15.20
C PHE A 239 18.57 -18.41 -16.06
N ARG A 240 17.79 -18.93 -17.01
CA ARG A 240 18.34 -19.83 -18.03
C ARG A 240 18.45 -19.13 -19.39
N LEU A 241 17.34 -18.60 -19.89
CA LEU A 241 17.32 -17.95 -21.20
C LEU A 241 17.67 -16.47 -21.12
N GLY A 242 17.81 -15.91 -19.93
CA GLY A 242 18.12 -14.50 -19.78
C GLY A 242 16.96 -13.56 -20.03
N TRP A 243 15.73 -14.07 -20.10
CA TRP A 243 14.59 -13.20 -20.33
C TRP A 243 14.42 -12.22 -19.18
N ASN A 244 14.04 -11.00 -19.52
CA ASN A 244 13.84 -9.94 -18.54
C ASN A 244 12.38 -9.53 -18.52
N LEU A 245 11.84 -9.36 -17.32
CA LEU A 245 10.43 -9.01 -17.17
C LEU A 245 10.18 -7.63 -17.74
N PRO A 246 9.17 -7.45 -18.61
CA PRO A 246 8.93 -6.12 -19.16
C PRO A 246 8.64 -5.09 -18.07
N GLU A 247 9.06 -3.85 -18.32
CA GLU A 247 8.92 -2.80 -17.32
C GLU A 247 7.45 -2.56 -16.97
N MET A 248 6.58 -2.57 -17.99
CA MET A 248 5.16 -2.31 -17.74
C MET A 248 4.54 -3.36 -16.84
N ILE A 249 5.14 -4.54 -16.73
CA ILE A 249 4.65 -5.58 -15.83
C ILE A 249 5.33 -5.49 -14.47
N ASP A 250 6.65 -5.25 -14.46
CA ASP A 250 7.36 -5.15 -13.19
C ASP A 250 6.84 -3.99 -12.35
N LYS A 251 6.64 -2.82 -12.98
CA LYS A 251 6.12 -1.68 -12.25
C LYS A 251 4.69 -1.95 -11.76
N SER A 252 3.87 -2.59 -12.59
CA SER A 252 2.51 -2.90 -12.18
C SER A 252 2.50 -3.82 -10.96
N ILE A 253 3.37 -4.83 -10.96
CA ILE A 253 3.44 -5.73 -9.81
C ILE A 253 3.95 -4.98 -8.58
N HIS A 254 4.97 -4.14 -8.76
CA HIS A 254 5.55 -3.43 -7.62
C HIS A 254 4.54 -2.47 -6.99
N LEU A 255 3.73 -1.80 -7.81
CA LEU A 255 2.79 -0.82 -7.26
C LEU A 255 1.85 -1.47 -6.26
N LEU A 256 1.29 -2.63 -6.60
CA LEU A 256 0.39 -3.32 -5.68
C LEU A 256 1.16 -3.96 -4.53
N SER A 257 2.31 -4.57 -4.83
CA SER A 257 3.09 -5.23 -3.78
C SER A 257 3.61 -4.22 -2.77
N ASP A 258 4.09 -3.07 -3.25
CA ASP A 258 4.67 -2.07 -2.36
C ASP A 258 3.64 -1.64 -1.31
N GLY A 259 4.10 -1.51 -0.07
CA GLY A 259 3.22 -1.17 1.03
C GLY A 259 2.40 -2.31 1.57
N GLY A 260 2.60 -3.54 1.06
CA GLY A 260 1.82 -4.67 1.55
C GLY A 260 2.12 -5.00 3.00
N LEU A 261 3.38 -4.87 3.42
CA LEU A 261 3.72 -5.19 4.80
C LEU A 261 3.12 -4.17 5.76
N GLY A 262 3.13 -2.89 5.39
CA GLY A 262 2.47 -1.90 6.21
C GLY A 262 0.99 -2.19 6.35
N MET A 263 0.36 -2.63 5.26
CA MET A 263 -1.05 -3.00 5.32
C MET A 263 -1.27 -4.21 6.21
N ALA A 264 -0.37 -5.19 6.16
CA ALA A 264 -0.50 -6.37 7.01
C ALA A 264 -0.39 -5.99 8.48
N MET A 265 0.56 -5.12 8.82
CA MET A 265 0.68 -4.66 10.20
C MET A 265 -0.54 -3.83 10.60
N PHE A 266 -1.07 -3.03 9.69
CA PHE A 266 -2.30 -2.30 9.97
C PHE A 266 -3.44 -3.27 10.29
N SER A 267 -3.59 -4.34 9.51
CA SER A 267 -4.62 -5.33 9.79
C SER A 267 -4.38 -6.04 11.12
N LEU A 268 -3.12 -6.34 11.45
CA LEU A 268 -2.80 -6.93 12.74
C LEU A 268 -3.16 -6.02 13.90
N GLY A 269 -2.95 -4.71 13.76
CA GLY A 269 -3.34 -3.78 14.79
C GLY A 269 -4.84 -3.58 14.86
N LEU A 270 -5.51 -3.69 13.71
CA LEU A 270 -6.96 -3.58 13.67
C LEU A 270 -7.63 -4.74 14.38
N PHE A 271 -7.17 -5.96 14.11
CA PHE A 271 -7.72 -7.16 14.75
C PHE A 271 -7.46 -7.20 16.25
N MET A 272 -6.31 -6.69 16.70
CA MET A 272 -5.98 -6.66 18.11
C MET A 272 -6.83 -5.66 18.89
N ALA A 273 -7.53 -4.77 18.19
CA ALA A 273 -8.41 -3.81 18.82
C ALA A 273 -9.82 -4.34 19.03
N SER A 274 -10.14 -5.51 18.48
CA SER A 274 -11.46 -6.13 18.65
C SER A 274 -11.41 -7.30 19.62
N GLN A 275 -10.29 -7.48 20.32
CA GLN A 275 -10.11 -8.56 21.27
C GLN A 275 -10.30 -8.04 22.69
N SER A 276 -10.01 -8.88 23.69
CA SER A 276 -10.17 -8.47 25.07
C SER A 276 -9.30 -7.24 25.39
N SER A 277 -8.05 -7.28 24.97
CA SER A 277 -7.15 -6.13 25.19
C SER A 277 -5.91 -6.27 24.30
N ILE A 278 -4.80 -6.72 24.89
CA ILE A 278 -3.57 -6.94 24.14
C ILE A 278 -3.04 -8.36 24.31
N ILE A 279 -3.46 -9.08 25.35
CA ILE A 279 -3.03 -10.45 25.59
C ILE A 279 -4.25 -11.37 25.60
N ALA A 280 -5.26 -11.01 24.79
CA ALA A 280 -6.48 -11.81 24.74
C ALA A 280 -6.20 -13.29 24.50
N CYS A 281 -5.00 -13.61 24.00
CA CYS A 281 -4.60 -15.00 23.84
C CYS A 281 -4.75 -15.76 25.15
N GLY A 282 -4.48 -15.10 26.27
CA GLY A 282 -4.60 -15.71 27.58
C GLY A 282 -3.38 -15.46 28.45
N THR A 283 -3.12 -16.38 29.38
CA THR A 283 -1.96 -16.29 30.25
C THR A 283 -0.98 -17.44 30.05
N LYS A 284 -1.48 -18.67 29.99
CA LYS A 284 -0.62 -19.82 29.71
C LYS A 284 -0.37 -20.00 28.21
N MET A 285 -1.38 -19.70 27.39
CA MET A 285 -1.22 -19.85 25.95
C MET A 285 -0.17 -18.87 25.42
N ALA A 286 -0.19 -17.63 25.93
CA ALA A 286 0.83 -16.66 25.54
C ALA A 286 2.22 -17.06 26.03
N ILE A 287 2.31 -17.74 27.17
CA ILE A 287 3.59 -18.23 27.65
C ILE A 287 4.14 -19.36 26.81
N ILE A 288 3.29 -20.29 26.36
CA ILE A 288 3.73 -21.38 25.50
C ILE A 288 3.95 -20.95 24.07
N THR A 289 3.27 -19.90 23.60
CA THR A 289 3.50 -19.41 22.25
C THR A 289 4.93 -18.93 22.05
N MET A 290 5.61 -18.51 23.12
CA MET A 290 7.00 -18.10 23.04
C MET A 290 7.98 -19.23 23.29
N LEU A 291 7.61 -20.21 24.11
CA LEU A 291 8.44 -21.41 24.24
C LEU A 291 8.44 -22.21 22.94
N LEU A 292 7.37 -22.12 22.16
CA LEU A 292 7.33 -22.80 20.87
C LEU A 292 8.19 -22.08 19.83
N LYS A 293 8.32 -20.76 19.94
CA LYS A 293 8.98 -19.97 18.90
C LYS A 293 10.45 -19.66 19.21
N PHE A 294 10.84 -19.62 20.48
CA PHE A 294 12.19 -19.27 20.86
C PHE A 294 12.91 -20.34 21.68
N VAL A 295 12.21 -21.41 22.06
CA VAL A 295 12.83 -22.48 22.84
C VAL A 295 12.72 -23.85 22.19
N LEU A 296 11.74 -24.10 21.34
CA LEU A 296 11.59 -25.37 20.64
C LEU A 296 12.03 -25.30 19.20
N GLY A 297 11.62 -24.26 18.47
CA GLY A 297 11.98 -24.12 17.08
C GLY A 297 13.48 -24.01 16.90
N PRO A 298 14.14 -23.14 17.68
CA PRO A 298 15.60 -23.08 17.61
C PRO A 298 16.28 -24.39 17.95
N ALA A 299 15.79 -25.12 18.95
CA ALA A 299 16.41 -26.39 19.32
C ALA A 299 16.29 -27.40 18.19
N LEU A 300 15.10 -27.50 17.59
CA LEU A 300 14.91 -28.41 16.47
C LEU A 300 15.74 -27.99 15.26
N MET A 301 15.91 -26.68 15.06
CA MET A 301 16.76 -26.22 13.97
C MET A 301 18.21 -26.61 14.21
N ILE A 302 18.67 -26.50 15.47
CA ILE A 302 20.02 -26.95 15.82
C ILE A 302 20.16 -28.44 15.54
N ALA A 303 19.15 -29.23 15.93
CA ALA A 303 19.22 -30.66 15.68
C ALA A 303 19.29 -30.97 14.19
N SER A 304 18.49 -30.26 13.38
CA SER A 304 18.51 -30.46 11.94
C SER A 304 19.87 -30.09 11.36
N ALA A 305 20.43 -28.97 11.81
CA ALA A 305 21.75 -28.55 11.32
C ALA A 305 22.81 -29.59 11.68
N TYR A 306 22.75 -30.12 12.89
CA TYR A 306 23.68 -31.18 13.27
C TYR A 306 23.52 -32.41 12.37
N CYS A 307 22.27 -32.79 12.10
CA CYS A 307 22.02 -33.97 11.28
C CYS A 307 22.53 -33.78 9.86
N ILE A 308 22.33 -32.60 9.28
CA ILE A 308 22.66 -32.35 7.89
C ILE A 308 24.14 -32.01 7.76
N ARG A 309 24.83 -31.88 8.91
CA ARG A 309 26.28 -31.65 8.92
C ARG A 309 26.66 -30.27 8.40
N LEU A 310 25.81 -29.27 8.67
CA LEU A 310 26.15 -27.90 8.31
C LEU A 310 27.39 -27.45 9.06
N LYS A 311 28.44 -27.06 8.33
CA LYS A 311 29.64 -26.52 8.94
C LYS A 311 30.09 -25.31 8.11
N SER A 312 29.51 -24.16 8.41
CA SER A 312 29.83 -22.92 7.70
C SER A 312 29.04 -21.78 8.31
N THR A 313 29.17 -20.56 7.77
CA THR A 313 28.20 -19.52 8.07
C THR A 313 26.77 -20.00 7.82
N LEU A 314 26.61 -21.10 7.07
CA LEU A 314 25.33 -21.76 6.86
C LEU A 314 24.83 -22.45 8.13
N PHE A 315 25.56 -22.30 9.23
CA PHE A 315 25.18 -22.90 10.50
C PHE A 315 24.80 -21.77 11.48
N LYS A 316 25.72 -20.84 11.68
CA LYS A 316 25.50 -19.71 12.58
C LYS A 316 24.45 -18.75 12.06
N VAL A 317 24.05 -18.86 10.79
CA VAL A 317 23.00 -18.02 10.23
C VAL A 317 21.75 -18.86 10.04
N ALA A 318 21.92 -20.15 9.80
CA ALA A 318 20.78 -21.04 9.66
C ALA A 318 20.06 -21.28 10.97
N ILE A 319 20.79 -21.26 12.09
CA ILE A 319 20.16 -21.46 13.40
C ILE A 319 19.63 -20.16 13.96
N LEU A 320 20.40 -19.08 13.85
CA LEU A 320 19.97 -17.80 14.44
C LEU A 320 18.71 -17.29 13.77
N GLN A 321 18.56 -17.55 12.47
CA GLN A 321 17.37 -17.08 11.76
C GLN A 321 16.10 -17.69 12.33
N ALA A 322 16.18 -18.92 12.86
CA ALA A 322 15.01 -19.59 13.41
C ALA A 322 14.53 -18.99 14.72
N ALA A 323 15.34 -18.16 15.37
CA ALA A 323 14.98 -17.54 16.64
C ALA A 323 14.37 -16.16 16.47
N LEU A 324 14.19 -15.70 15.22
CA LEU A 324 13.61 -14.39 14.98
C LEU A 324 12.10 -14.42 15.25
N PRO A 325 11.49 -13.26 15.46
CA PRO A 325 10.06 -13.23 15.78
C PRO A 325 9.21 -13.83 14.66
N GLN A 326 7.93 -13.98 14.97
CA GLN A 326 6.99 -14.55 14.02
C GLN A 326 6.71 -13.57 12.89
N GLY A 327 6.28 -14.12 11.75
CA GLY A 327 5.90 -13.31 10.62
C GLY A 327 4.51 -12.74 10.75
N VAL A 328 4.08 -12.02 9.71
CA VAL A 328 2.76 -11.41 9.68
C VAL A 328 1.86 -12.22 8.74
N VAL A 329 2.46 -12.84 7.73
CA VAL A 329 1.68 -13.65 6.79
C VAL A 329 0.92 -14.76 7.51
N PRO A 330 1.52 -15.49 8.46
CA PRO A 330 0.74 -16.52 9.17
C PRO A 330 -0.50 -15.96 9.84
N PHE A 331 -0.42 -14.76 10.42
CA PHE A 331 -1.61 -14.13 10.99
C PHE A 331 -2.59 -13.74 9.89
N VAL A 332 -2.08 -13.21 8.77
CA VAL A 332 -2.94 -12.81 7.67
C VAL A 332 -3.76 -13.99 7.16
N PHE A 333 -3.19 -15.19 7.23
CA PHE A 333 -3.93 -16.39 6.84
C PHE A 333 -4.84 -16.92 7.94
N ALA A 334 -4.34 -16.96 9.18
CA ALA A 334 -5.09 -17.52 10.30
C ALA A 334 -6.28 -16.67 10.68
N LYS A 335 -6.31 -15.39 10.29
CA LYS A 335 -7.47 -14.55 10.51
C LYS A 335 -8.48 -14.60 9.38
N GLU A 336 -8.04 -14.77 8.14
CA GLU A 336 -8.98 -15.02 7.05
C GLU A 336 -9.65 -16.38 7.20
N TYR A 337 -8.92 -17.39 7.67
CA TYR A 337 -9.50 -18.70 7.92
C TYR A 337 -10.00 -18.86 9.34
N ASN A 338 -9.82 -17.84 10.19
CA ASN A 338 -10.38 -17.82 11.53
C ASN A 338 -10.04 -19.10 12.29
N LEU A 339 -8.74 -19.43 12.31
CA LEU A 339 -8.22 -20.60 13.00
C LEU A 339 -7.27 -20.09 14.09
N HIS A 340 -7.81 -19.86 15.28
CA HIS A 340 -7.04 -19.34 16.40
C HIS A 340 -6.26 -18.09 16.02
N PRO A 341 -6.94 -17.05 15.53
CA PRO A 341 -6.23 -15.81 15.18
C PRO A 341 -5.74 -15.02 16.39
N GLU A 342 -6.17 -15.38 17.60
CA GLU A 342 -5.76 -14.68 18.81
C GLU A 342 -4.43 -15.20 19.37
N ILE A 343 -3.96 -16.36 18.91
CA ILE A 343 -2.72 -16.94 19.40
C ILE A 343 -1.53 -16.49 18.57
N ILE A 344 -1.76 -16.10 17.33
CA ILE A 344 -0.70 -15.65 16.45
C ILE A 344 -0.72 -14.13 16.40
N SER A 345 -1.30 -13.51 17.43
CA SER A 345 -1.35 -12.05 17.52
C SER A 345 -0.47 -11.57 18.67
N THR A 346 -0.73 -12.07 19.87
CA THR A 346 0.09 -11.71 21.02
C THR A 346 1.51 -12.21 20.81
N GLY A 347 1.65 -13.35 20.14
CA GLY A 347 2.97 -13.86 19.81
C GLY A 347 3.74 -12.85 18.98
N VAL A 348 3.09 -12.31 17.94
CA VAL A 348 3.74 -11.29 17.12
C VAL A 348 4.05 -10.05 17.95
N ILE A 349 3.09 -9.64 18.78
CA ILE A 349 3.27 -8.40 19.56
C ILE A 349 4.48 -8.51 20.46
N PHE A 350 4.63 -9.62 21.19
CA PHE A 350 5.66 -9.77 22.19
C PHE A 350 6.90 -10.49 21.67
N GLY A 351 6.95 -10.87 20.41
CA GLY A 351 8.14 -11.50 19.87
C GLY A 351 9.18 -10.51 19.40
N MET A 352 8.74 -9.43 18.76
CA MET A 352 9.66 -8.40 18.31
C MET A 352 10.19 -7.56 19.46
N LEU A 353 9.61 -7.69 20.65
CA LEU A 353 10.18 -7.05 21.84
C LEU A 353 11.35 -7.84 22.41
N ILE A 354 11.29 -9.16 22.36
CA ILE A 354 12.35 -10.02 22.90
C ILE A 354 13.25 -10.54 21.79
N ALA A 355 13.05 -10.11 20.55
CA ALA A 355 13.95 -10.52 19.47
C ALA A 355 15.40 -10.25 19.83
N LEU A 356 15.71 -9.03 20.27
CA LEU A 356 17.10 -8.68 20.58
C LEU A 356 17.66 -9.53 21.71
N PRO A 357 16.99 -9.66 22.87
CA PRO A 357 17.49 -10.56 23.92
C PRO A 357 17.81 -11.96 23.41
N THR A 358 16.83 -12.63 22.83
CA THR A 358 17.01 -14.02 22.42
C THR A 358 18.03 -14.14 21.30
N THR A 359 18.00 -13.21 20.34
CA THR A 359 18.96 -13.26 19.25
C THR A 359 20.38 -13.09 19.76
N LEU A 360 20.63 -12.14 20.66
CA LEU A 360 21.95 -11.96 21.22
C LEU A 360 22.37 -13.16 22.06
N ALA A 361 21.43 -13.75 22.80
CA ALA A 361 21.73 -14.94 23.59
C ALA A 361 22.18 -16.09 22.68
N TYR A 362 21.46 -16.31 21.59
CA TYR A 362 21.85 -17.36 20.65
C TYR A 362 23.17 -17.04 19.98
N TYR A 363 23.41 -15.77 19.66
CA TYR A 363 24.69 -15.38 19.07
C TYR A 363 25.85 -15.70 20.02
N PHE A 364 25.69 -15.38 21.31
CA PHE A 364 26.73 -15.72 22.28
C PHE A 364 26.88 -17.23 22.42
N LEU A 365 25.76 -17.95 22.45
CA LEU A 365 25.84 -19.40 22.61
C LEU A 365 26.57 -20.05 21.45
N LEU A 366 26.30 -19.60 20.23
CA LEU A 366 26.96 -20.18 19.07
C LEU A 366 28.48 -19.95 19.12
N ASP A 367 28.89 -18.74 19.51
CA ASP A 367 30.32 -18.44 19.58
C ASP A 367 31.02 -19.35 20.59
N LEU A 368 30.41 -19.56 21.74
CA LEU A 368 30.99 -20.41 22.78
C LEU A 368 31.16 -21.83 22.26
N ILE B 3 7.36 13.81 -33.05
CA ILE B 3 7.40 12.86 -31.94
C ILE B 3 7.84 11.49 -32.42
N SER B 4 8.52 10.75 -31.55
CA SER B 4 8.98 9.40 -31.86
C SER B 4 8.10 8.38 -31.16
N TRP B 5 7.88 7.24 -31.82
CA TRP B 5 7.07 6.18 -31.22
C TRP B 5 7.64 5.77 -29.87
N LEU B 6 8.96 5.87 -29.70
CA LEU B 6 9.56 5.51 -28.43
C LEU B 6 8.99 6.34 -27.29
N ASP B 7 8.79 7.63 -27.52
CA ASP B 7 8.18 8.48 -26.49
C ASP B 7 6.75 8.02 -26.20
N ILE B 8 5.99 7.73 -27.25
CA ILE B 8 4.62 7.24 -27.05
C ILE B 8 4.63 5.95 -26.27
N TYR B 9 5.54 5.03 -26.61
CA TYR B 9 5.66 3.80 -25.86
C TYR B 9 6.09 4.04 -24.42
N HIS B 10 6.96 5.03 -24.17
CA HIS B 10 7.34 5.34 -22.80
C HIS B 10 6.12 5.83 -21.99
N VAL B 11 5.32 6.71 -22.58
CA VAL B 11 4.12 7.19 -21.89
C VAL B 11 3.16 6.02 -21.63
N VAL B 12 2.97 5.16 -22.64
CA VAL B 12 2.06 4.04 -22.47
C VAL B 12 2.55 3.11 -21.37
N SER B 13 3.86 2.84 -21.32
CA SER B 13 4.39 1.98 -20.28
C SER B 13 4.22 2.62 -18.90
N ALA B 14 4.44 3.93 -18.81
CA ALA B 14 4.26 4.62 -17.54
C ALA B 14 2.81 4.56 -17.08
N THR B 15 1.87 4.61 -18.02
CA THR B 15 0.45 4.63 -17.68
C THR B 15 -0.15 3.26 -17.45
N VAL B 16 0.40 2.21 -18.07
CA VAL B 16 -0.19 0.87 -18.02
C VAL B 16 -0.36 0.37 -16.59
N PRO B 17 0.66 0.43 -15.73
CA PRO B 17 0.47 -0.13 -14.38
C PRO B 17 -0.68 0.50 -13.61
N LEU B 18 -0.87 1.80 -13.75
CA LEU B 18 -1.95 2.50 -13.08
C LEU B 18 -3.32 2.09 -13.61
N TYR B 19 -3.39 1.59 -14.84
CA TYR B 19 -4.60 0.99 -15.38
C TYR B 19 -4.78 -0.46 -14.98
N VAL B 20 -3.68 -1.21 -14.85
CA VAL B 20 -3.77 -2.60 -14.43
C VAL B 20 -4.29 -2.68 -13.01
N SER B 21 -3.79 -1.80 -12.13
CA SER B 21 -4.30 -1.79 -10.76
C SER B 21 -5.79 -1.46 -10.74
N MET B 22 -6.22 -0.47 -11.52
CA MET B 22 -7.62 -0.09 -11.55
C MET B 22 -8.48 -1.24 -12.06
N THR B 23 -8.04 -1.90 -13.13
CA THR B 23 -8.79 -3.03 -13.67
C THR B 23 -8.85 -4.18 -12.68
N LEU B 24 -7.76 -4.45 -11.97
CA LEU B 24 -7.78 -5.49 -10.95
C LEU B 24 -8.80 -5.17 -9.87
N GLY B 25 -8.81 -3.92 -9.41
CA GLY B 25 -9.79 -3.54 -8.41
C GLY B 25 -11.21 -3.66 -8.91
N PHE B 26 -11.47 -3.21 -10.13
CA PHE B 26 -12.81 -3.28 -10.69
C PHE B 26 -13.27 -4.71 -10.83
N LEU B 27 -12.38 -5.60 -11.32
CA LEU B 27 -12.74 -7.00 -11.46
C LEU B 27 -12.98 -7.64 -10.09
N SER B 28 -12.16 -7.31 -9.10
CA SER B 28 -12.35 -7.86 -7.77
C SER B 28 -13.69 -7.43 -7.18
N ALA B 29 -14.07 -6.18 -7.42
CA ALA B 29 -15.33 -5.68 -6.88
C ALA B 29 -16.53 -6.30 -7.60
N ARG B 30 -16.62 -6.09 -8.92
CA ARG B 30 -17.82 -6.47 -9.65
C ARG B 30 -17.82 -7.95 -10.03
N HIS B 31 -16.85 -8.37 -10.83
CA HIS B 31 -16.90 -9.71 -11.41
C HIS B 31 -16.50 -10.78 -10.39
N LEU B 32 -15.25 -10.72 -9.91
CA LEU B 32 -14.76 -11.76 -9.02
C LEU B 32 -15.48 -11.75 -7.68
N LYS B 33 -16.03 -10.60 -7.28
CA LYS B 33 -16.82 -10.48 -6.06
C LYS B 33 -16.03 -10.88 -4.82
N LEU B 34 -14.75 -10.50 -4.77
CA LEU B 34 -13.97 -10.72 -3.55
C LEU B 34 -14.48 -9.87 -2.40
N PHE B 35 -14.81 -8.61 -2.66
CA PHE B 35 -15.09 -7.63 -1.62
C PHE B 35 -16.57 -7.30 -1.59
N SER B 36 -17.16 -7.34 -0.40
CA SER B 36 -18.51 -6.85 -0.20
C SER B 36 -18.51 -5.32 -0.22
N PRO B 37 -19.66 -4.70 -0.49
CA PRO B 37 -19.69 -3.23 -0.51
C PRO B 37 -19.18 -2.61 0.79
N GLU B 38 -19.48 -3.22 1.94
CA GLU B 38 -18.93 -2.73 3.19
C GLU B 38 -17.41 -2.81 3.19
N GLN B 39 -16.86 -3.93 2.70
CA GLN B 39 -15.42 -4.07 2.65
C GLN B 39 -14.79 -3.07 1.68
N CYS B 40 -15.45 -2.82 0.55
CA CYS B 40 -14.96 -1.81 -0.37
C CYS B 40 -14.97 -0.43 0.27
N ALA B 41 -16.03 -0.11 1.00
CA ALA B 41 -16.07 1.17 1.71
C ALA B 41 -14.96 1.26 2.74
N GLY B 42 -14.68 0.17 3.45
CA GLY B 42 -13.60 0.17 4.40
C GLY B 42 -12.24 0.41 3.74
N ILE B 43 -12.01 -0.25 2.60
CA ILE B 43 -10.75 -0.05 1.89
C ILE B 43 -10.63 1.40 1.42
N ASN B 44 -11.73 1.96 0.90
CA ASN B 44 -11.71 3.35 0.47
C ASN B 44 -11.41 4.28 1.64
N LYS B 45 -12.01 4.01 2.79
CA LYS B 45 -11.75 4.83 3.97
C LYS B 45 -10.28 4.73 4.40
N PHE B 46 -9.73 3.51 4.37
CA PHE B 46 -8.33 3.35 4.75
C PHE B 46 -7.40 4.11 3.81
N VAL B 47 -7.64 4.02 2.50
CA VAL B 47 -6.76 4.72 1.57
C VAL B 47 -6.93 6.23 1.72
N ALA B 48 -8.14 6.69 1.98
CA ALA B 48 -8.38 8.13 2.11
C ALA B 48 -7.95 8.69 3.46
N LYS B 49 -7.67 7.85 4.45
CA LYS B 49 -7.33 8.30 5.79
C LYS B 49 -5.87 8.08 6.18
N PHE B 50 -5.21 7.08 5.60
CA PHE B 50 -3.83 6.75 6.00
C PHE B 50 -2.83 6.81 4.87
N SER B 51 -3.18 6.32 3.68
CA SER B 51 -2.22 6.28 2.58
C SER B 51 -2.09 7.64 1.91
N ILE B 52 -3.22 8.23 1.53
CA ILE B 52 -3.17 9.51 0.82
C ILE B 52 -2.56 10.60 1.68
N PRO B 53 -2.92 10.78 2.96
CA PRO B 53 -2.25 11.82 3.75
C PRO B 53 -0.75 11.63 3.86
N LEU B 54 -0.29 10.39 4.01
CA LEU B 54 1.15 10.15 4.11
C LEU B 54 1.84 10.44 2.78
N LEU B 55 1.23 10.06 1.67
CA LEU B 55 1.81 10.38 0.37
C LEU B 55 1.86 11.89 0.17
N SER B 56 0.81 12.60 0.58
CA SER B 56 0.82 14.06 0.50
C SER B 56 1.95 14.65 1.33
N PHE B 57 2.13 14.15 2.56
CA PHE B 57 3.20 14.66 3.41
C PHE B 57 4.56 14.41 2.76
N GLN B 58 4.77 13.21 2.22
CA GLN B 58 6.05 12.91 1.59
C GLN B 58 6.31 13.83 0.40
N ILE B 59 5.32 14.00 -0.47
CA ILE B 59 5.50 14.85 -1.64
C ILE B 59 5.79 16.29 -1.21
N ILE B 60 5.07 16.79 -0.22
CA ILE B 60 5.28 18.16 0.24
C ILE B 60 6.67 18.31 0.84
N SER B 61 7.09 17.33 1.66
CA SER B 61 8.41 17.39 2.29
C SER B 61 9.54 17.28 1.27
N GLU B 62 9.28 16.70 0.10
CA GLU B 62 10.28 16.62 -0.96
C GLU B 62 10.32 17.87 -1.82
N ASN B 63 9.82 19.00 -1.30
CA ASN B 63 9.81 20.26 -2.02
C ASN B 63 10.56 21.31 -1.20
N ASN B 64 11.12 22.30 -1.91
CA ASN B 64 11.91 23.35 -1.29
C ASN B 64 11.07 24.63 -1.21
N PRO B 65 10.57 25.02 -0.03
CA PRO B 65 9.76 26.25 0.04
C PRO B 65 10.48 27.49 -0.44
N PHE B 66 11.79 27.60 -0.19
CA PHE B 66 12.54 28.80 -0.55
C PHE B 66 12.96 28.81 -2.02
N LYS B 67 12.82 27.69 -2.72
CA LYS B 67 13.25 27.60 -4.12
C LYS B 67 12.06 27.28 -5.03
N MET B 68 10.87 27.75 -4.66
CA MET B 68 9.72 27.61 -5.55
C MET B 68 9.91 28.50 -6.78
N SER B 69 8.90 28.47 -7.66
CA SER B 69 8.90 29.30 -8.87
C SER B 69 7.73 30.28 -8.80
N PRO B 70 7.96 31.54 -8.42
CA PRO B 70 6.84 32.47 -8.29
C PRO B 70 6.06 32.63 -9.59
N LYS B 71 6.72 32.50 -10.74
CA LYS B 71 5.99 32.53 -12.00
C LYS B 71 4.99 31.37 -12.07
N LEU B 72 5.41 30.18 -11.64
CA LEU B 72 4.48 29.05 -11.58
C LEU B 72 3.36 29.33 -10.59
N ILE B 73 3.68 29.95 -9.45
CA ILE B 73 2.66 30.27 -8.46
C ILE B 73 1.60 31.16 -9.09
N LEU B 74 2.02 32.22 -9.77
CA LEU B 74 1.08 33.15 -10.38
C LEU B 74 0.29 32.48 -11.50
N SER B 75 0.95 31.63 -12.29
CA SER B 75 0.24 30.94 -13.37
C SER B 75 -0.84 30.03 -12.80
N ASP B 76 -0.53 29.28 -11.75
CA ASP B 76 -1.50 28.43 -11.11
C ASP B 76 -2.65 29.21 -10.48
N ILE B 77 -2.38 30.36 -9.86
CA ILE B 77 -3.45 31.17 -9.29
C ILE B 77 -4.31 31.85 -10.34
N LEU B 78 -3.73 32.24 -11.48
CA LEU B 78 -4.51 32.86 -12.55
C LEU B 78 -5.23 31.83 -13.40
N GLN B 79 -4.84 30.55 -13.33
CA GLN B 79 -5.63 29.51 -13.97
C GLN B 79 -6.95 29.26 -13.27
N LYS B 80 -7.00 29.41 -11.95
CA LYS B 80 -8.21 29.20 -11.18
C LYS B 80 -8.94 30.49 -10.84
N PHE B 81 -8.46 31.63 -11.35
CA PHE B 81 -9.13 32.91 -11.15
C PHE B 81 -9.89 33.37 -12.38
N LEU B 82 -9.43 33.00 -13.58
CA LEU B 82 -10.22 33.25 -14.78
C LEU B 82 -11.08 32.11 -15.28
N VAL B 83 -10.97 30.91 -14.69
CA VAL B 83 -11.98 29.88 -14.83
C VAL B 83 -13.20 30.16 -13.98
N VAL B 84 -13.04 30.91 -12.89
CA VAL B 84 -14.18 31.45 -12.16
C VAL B 84 -14.87 32.57 -12.91
N VAL B 85 -14.12 33.45 -13.58
CA VAL B 85 -14.69 34.55 -14.34
C VAL B 85 -15.32 34.07 -15.65
N VAL B 86 -15.07 32.82 -16.04
CA VAL B 86 -15.65 32.26 -17.25
C VAL B 86 -16.85 31.41 -16.87
N LEU B 87 -16.89 30.95 -15.63
CA LEU B 87 -18.03 30.18 -15.13
C LEU B 87 -19.10 31.04 -14.51
N ALA B 88 -18.75 32.23 -13.99
CA ALA B 88 -19.75 33.16 -13.49
C ALA B 88 -20.40 33.96 -14.62
N MET B 89 -19.80 33.95 -15.81
CA MET B 89 -20.36 34.64 -16.97
C MET B 89 -21.26 33.71 -17.79
N VAL B 90 -20.77 32.49 -18.07
CA VAL B 90 -21.58 31.53 -18.82
C VAL B 90 -22.83 31.17 -18.04
N LEU B 91 -22.70 30.92 -16.74
CA LEU B 91 -23.86 30.54 -15.94
C LEU B 91 -24.88 31.66 -15.86
N ARG B 92 -24.48 32.91 -16.11
CA ARG B 92 -25.44 34.00 -16.15
C ARG B 92 -26.45 33.80 -17.28
N PHE B 93 -26.00 33.32 -18.43
CA PHE B 93 -26.85 33.09 -19.59
C PHE B 93 -27.25 31.63 -19.74
N TRP B 94 -26.89 30.78 -18.79
CA TRP B 94 -27.16 29.35 -18.90
C TRP B 94 -27.59 28.81 -17.54
N HIS B 95 -28.44 27.78 -17.57
CA HIS B 95 -28.95 27.17 -16.34
C HIS B 95 -29.50 28.21 -15.38
N GLY B 101 -31.65 28.75 -10.98
CA GLY B 101 -31.03 29.09 -9.71
C GLY B 101 -29.95 28.10 -9.32
N GLY B 102 -29.05 28.54 -8.44
CA GLY B 102 -27.97 27.69 -7.97
C GLY B 102 -26.63 28.07 -8.59
N LYS B 103 -26.44 29.36 -8.86
CA LYS B 103 -25.18 29.79 -9.48
C LYS B 103 -23.99 29.36 -8.63
N LEU B 104 -24.06 29.58 -7.32
CA LEU B 104 -22.96 29.19 -6.44
C LEU B 104 -22.78 27.66 -6.47
N GLY B 105 -23.88 26.91 -6.47
CA GLY B 105 -23.77 25.46 -6.48
C GLY B 105 -23.09 24.96 -7.73
N TRP B 106 -23.44 25.52 -8.89
CA TRP B 106 -22.85 25.07 -10.14
C TRP B 106 -21.43 25.58 -10.34
N VAL B 107 -21.08 26.74 -9.78
CA VAL B 107 -19.72 27.23 -9.87
C VAL B 107 -18.77 26.27 -9.16
N ILE B 108 -19.14 25.83 -7.96
CA ILE B 108 -18.30 24.87 -7.24
C ILE B 108 -18.16 23.58 -8.04
N THR B 109 -19.27 23.09 -8.61
CA THR B 109 -19.20 21.92 -9.45
C THR B 109 -18.42 22.18 -10.73
N GLY B 110 -18.40 23.42 -11.22
CA GLY B 110 -17.62 23.76 -12.39
C GLY B 110 -16.14 23.91 -12.09
N LEU B 111 -15.82 24.29 -10.85
CA LEU B 111 -14.44 24.38 -10.40
C LEU B 111 -13.89 23.04 -9.95
N SER B 112 -14.73 22.18 -9.37
CA SER B 112 -14.29 20.86 -8.96
C SER B 112 -13.91 19.98 -10.15
N ILE B 113 -14.26 20.39 -11.36
CA ILE B 113 -13.98 19.62 -12.58
C ILE B 113 -12.77 20.21 -13.32
N SER B 114 -12.88 21.46 -13.75
CA SER B 114 -11.91 22.00 -14.70
C SER B 114 -10.52 22.16 -14.09
N VAL B 115 -10.42 22.71 -12.88
CA VAL B 115 -9.16 23.25 -12.40
C VAL B 115 -8.64 22.49 -11.19
N LEU B 116 -9.04 21.23 -11.02
CA LEU B 116 -8.56 20.38 -9.93
C LEU B 116 -8.07 19.06 -10.51
N PRO B 117 -6.93 19.08 -11.20
CA PRO B 117 -6.38 17.82 -11.72
C PRO B 117 -5.87 16.93 -10.61
N ASN B 118 -5.73 15.65 -10.94
CA ASN B 118 -5.18 14.66 -10.00
C ASN B 118 -3.68 14.59 -10.20
N THR B 119 -2.98 15.60 -9.70
CA THR B 119 -1.54 15.72 -9.85
C THR B 119 -0.77 14.96 -8.77
N LEU B 120 -1.46 14.39 -7.79
CA LEU B 120 -0.81 13.65 -6.72
C LEU B 120 -0.69 12.16 -7.02
N ILE B 121 -1.69 11.57 -7.68
CA ILE B 121 -1.73 10.13 -7.93
C ILE B 121 -1.36 9.81 -9.37
N LEU B 122 -1.90 10.57 -10.32
CA LEU B 122 -1.77 10.27 -11.75
C LEU B 122 -0.99 11.37 -12.46
N GLY B 123 -0.40 12.30 -11.71
CA GLY B 123 0.35 13.38 -12.31
C GLY B 123 1.84 13.21 -12.19
N MET B 124 2.32 12.76 -11.03
CA MET B 124 3.74 12.49 -10.89
C MET B 124 4.19 11.35 -11.80
N PRO B 125 3.52 10.21 -11.84
CA PRO B 125 4.03 9.08 -12.66
C PRO B 125 4.12 9.41 -14.14
N ILE B 126 3.02 9.92 -14.71
CA ILE B 126 2.97 10.15 -16.15
C ILE B 126 3.99 11.22 -16.55
N LEU B 127 3.96 12.36 -15.87
CA LEU B 127 4.77 13.49 -16.30
C LEU B 127 6.24 13.30 -15.96
N SER B 128 6.52 12.64 -14.83
CA SER B 128 7.91 12.36 -14.46
C SER B 128 8.55 11.43 -15.49
N ALA B 129 7.72 10.70 -16.23
CA ALA B 129 8.18 9.82 -17.29
C ALA B 129 8.25 10.51 -18.64
N ILE B 130 7.28 11.37 -18.95
CA ILE B 130 7.30 12.08 -20.22
C ILE B 130 8.51 12.99 -20.32
N TYR B 131 8.81 13.71 -19.23
CA TYR B 131 9.87 14.71 -19.22
C TYR B 131 10.96 14.42 -18.20
N GLY B 132 11.04 13.18 -17.70
CA GLY B 132 12.08 12.86 -16.74
C GLY B 132 11.80 13.48 -15.38
N ASP B 133 12.89 13.68 -14.62
CA ASP B 133 12.78 14.17 -13.24
C ASP B 133 12.63 15.68 -13.17
N GLU B 134 12.78 16.40 -14.27
CA GLU B 134 12.67 17.86 -14.22
C GLU B 134 11.27 18.30 -13.80
N ALA B 135 10.24 17.60 -14.28
CA ALA B 135 8.86 17.97 -13.99
C ALA B 135 8.44 17.64 -12.56
N ALA B 136 9.25 16.87 -11.84
CA ALA B 136 8.87 16.48 -10.48
C ALA B 136 8.74 17.70 -9.58
N SER B 137 9.66 18.65 -9.69
CA SER B 137 9.59 19.86 -8.86
C SER B 137 8.31 20.64 -9.15
N ILE B 138 7.98 20.79 -10.43
CA ILE B 138 6.78 21.55 -10.79
C ILE B 138 5.53 20.85 -10.27
N LEU B 139 5.45 19.52 -10.45
CA LEU B 139 4.27 18.80 -10.00
C LEU B 139 4.13 18.85 -8.48
N GLU B 140 5.23 18.72 -7.74
CA GLU B 140 5.14 18.79 -6.29
C GLU B 140 4.78 20.19 -5.83
N GLN B 141 5.27 21.23 -6.50
CA GLN B 141 4.86 22.58 -6.16
C GLN B 141 3.36 22.78 -6.38
N ILE B 142 2.84 22.27 -7.51
CA ILE B 142 1.41 22.40 -7.77
C ILE B 142 0.61 21.62 -6.74
N VAL B 143 1.07 20.43 -6.37
CA VAL B 143 0.38 19.64 -5.36
C VAL B 143 0.35 20.39 -4.04
N VAL B 144 1.48 20.99 -3.65
CA VAL B 144 1.53 21.76 -2.42
C VAL B 144 0.54 22.91 -2.46
N LEU B 145 0.49 23.64 -3.58
CA LEU B 145 -0.42 24.76 -3.68
C LEU B 145 -1.87 24.31 -3.57
N GLN B 146 -2.25 23.25 -4.29
CA GLN B 146 -3.64 22.84 -4.28
C GLN B 146 -4.04 22.16 -2.97
N SER B 147 -3.07 21.64 -2.21
CA SER B 147 -3.38 21.10 -0.90
C SER B 147 -3.41 22.16 0.18
N LEU B 148 -2.69 23.27 -0.02
CA LEU B 148 -2.60 24.31 1.01
C LEU B 148 -3.61 25.43 0.84
N ILE B 149 -4.06 25.71 -0.39
CA ILE B 149 -4.90 26.88 -0.62
C ILE B 149 -6.22 26.49 -1.25
N TRP B 150 -6.16 25.78 -2.38
CA TRP B 150 -7.33 25.62 -3.22
C TRP B 150 -8.34 24.66 -2.60
N TYR B 151 -7.86 23.57 -1.99
CA TYR B 151 -8.78 22.68 -1.31
C TYR B 151 -9.46 23.36 -0.13
N THR B 152 -8.72 24.18 0.62
CA THR B 152 -9.33 24.92 1.72
C THR B 152 -10.39 25.90 1.20
N ILE B 153 -10.09 26.59 0.10
CA ILE B 153 -11.06 27.53 -0.45
C ILE B 153 -12.29 26.78 -0.95
N LEU B 154 -12.10 25.61 -1.57
CA LEU B 154 -13.23 24.81 -2.01
C LEU B 154 -14.09 24.38 -0.83
N LEU B 155 -13.44 23.98 0.28
CA LEU B 155 -14.19 23.62 1.47
C LEU B 155 -14.98 24.81 2.00
N PHE B 156 -14.37 25.99 2.01
CA PHE B 156 -15.09 27.18 2.48
C PHE B 156 -16.28 27.47 1.58
N LEU B 157 -16.11 27.36 0.27
CA LEU B 157 -17.23 27.57 -0.65
C LEU B 157 -18.33 26.56 -0.42
N PHE B 158 -17.97 25.29 -0.19
CA PHE B 158 -18.96 24.27 0.08
C PHE B 158 -19.76 24.60 1.34
N GLU B 159 -19.06 25.03 2.40
CA GLU B 159 -19.76 25.41 3.63
C GLU B 159 -20.67 26.60 3.40
N LEU B 160 -20.20 27.60 2.65
CA LEU B 160 -21.03 28.77 2.38
C LEU B 160 -22.27 28.39 1.60
N ASN B 161 -22.13 27.50 0.61
CA ASN B 161 -23.28 27.03 -0.13
C ASN B 161 -24.25 26.27 0.76
N ALA B 162 -23.73 25.40 1.63
CA ALA B 162 -24.59 24.64 2.54
C ALA B 162 -25.37 25.58 3.45
N ALA B 163 -24.72 26.60 3.99
CA ALA B 163 -25.39 27.57 4.83
C ALA B 163 -26.28 28.52 4.02
N ARG B 164 -26.05 28.65 2.72
CA ARG B 164 -26.84 29.53 1.88
C ARG B 164 -28.15 28.90 1.43
N ALA B 165 -28.33 27.60 1.62
CA ALA B 165 -29.55 26.93 1.21
C ALA B 165 -29.86 25.76 2.15
N GLY B 207 -24.29 34.25 10.50
CA GLY B 207 -23.64 35.08 9.51
C GLY B 207 -22.41 34.42 8.92
N THR B 208 -21.54 35.24 8.33
CA THR B 208 -20.32 34.70 7.72
C THR B 208 -19.42 34.06 8.76
N MET B 209 -19.41 34.58 9.99
CA MET B 209 -18.56 34.01 11.02
C MET B 209 -18.92 32.55 11.31
N LYS B 210 -20.21 32.24 11.30
CA LYS B 210 -20.63 30.86 11.54
C LYS B 210 -20.10 29.93 10.46
N ILE B 211 -20.16 30.36 9.19
CA ILE B 211 -19.67 29.54 8.09
C ILE B 211 -18.17 29.31 8.23
N LEU B 212 -17.42 30.37 8.54
CA LEU B 212 -15.98 30.23 8.70
C LEU B 212 -15.65 29.29 9.86
N LEU B 213 -16.39 29.41 10.97
CA LEU B 213 -16.16 28.54 12.11
C LEU B 213 -16.43 27.09 11.75
N LYS B 214 -17.53 26.83 11.04
CA LYS B 214 -17.84 25.46 10.64
C LYS B 214 -16.76 24.91 9.71
N ALA B 215 -16.30 25.72 8.77
CA ALA B 215 -15.24 25.28 7.88
C ALA B 215 -13.97 24.95 8.65
N TRP B 216 -13.62 25.79 9.62
CA TRP B 216 -12.42 25.53 10.42
C TRP B 216 -12.56 24.25 11.23
N ARG B 217 -13.73 24.05 11.86
CA ARG B 217 -13.94 22.85 12.66
C ARG B 217 -13.86 21.59 11.80
N LYS B 218 -14.45 21.62 10.61
CA LYS B 218 -14.39 20.45 9.75
C LYS B 218 -13.03 20.28 9.08
N LEU B 219 -12.23 21.34 8.99
CA LEU B 219 -10.90 21.27 8.40
C LEU B 219 -9.86 20.72 9.35
N ILE B 220 -10.08 20.83 10.67
CA ILE B 220 -9.09 20.37 11.63
C ILE B 220 -9.11 18.85 11.79
N ILE B 221 -10.24 18.21 11.49
CA ILE B 221 -10.35 16.75 11.60
C ILE B 221 -10.01 16.06 10.29
N ASN B 222 -9.48 16.79 9.31
CA ASN B 222 -9.11 16.21 8.03
C ASN B 222 -7.63 15.84 8.06
N PRO B 223 -7.27 14.57 7.87
CA PRO B 223 -5.84 14.22 7.90
C PRO B 223 -5.01 14.98 6.87
N ASN B 224 -5.61 15.36 5.75
CA ASN B 224 -4.85 16.08 4.72
C ASN B 224 -4.33 17.41 5.25
N THR B 225 -5.14 18.11 6.05
CA THR B 225 -4.70 19.40 6.58
C THR B 225 -3.47 19.25 7.46
N TYR B 226 -3.52 18.31 8.42
CA TYR B 226 -2.37 18.10 9.29
C TYR B 226 -1.16 17.63 8.50
N ALA B 227 -1.37 16.74 7.54
CA ALA B 227 -0.26 16.25 6.72
C ALA B 227 0.40 17.40 5.97
N THR B 228 -0.40 18.28 5.37
CA THR B 228 0.16 19.40 4.63
C THR B 228 0.90 20.36 5.54
N LEU B 229 0.32 20.69 6.70
CA LEU B 229 0.99 21.62 7.61
C LEU B 229 2.33 21.03 8.09
N ILE B 230 2.32 19.77 8.49
CA ILE B 230 3.55 19.14 8.98
C ILE B 230 4.58 19.05 7.86
N GLY B 231 4.13 18.75 6.64
CA GLY B 231 5.06 18.68 5.52
C GLY B 231 5.69 20.02 5.22
N ILE B 232 4.90 21.10 5.26
CA ILE B 232 5.45 22.43 5.03
C ILE B 232 6.48 22.77 6.11
N ILE B 233 6.13 22.51 7.36
CA ILE B 233 7.05 22.84 8.46
C ILE B 233 8.34 22.04 8.32
N TRP B 234 8.22 20.75 8.02
CA TRP B 234 9.41 19.91 7.90
C TRP B 234 10.25 20.31 6.71
N ALA B 235 9.63 20.66 5.59
CA ALA B 235 10.41 21.13 4.44
C ALA B 235 11.15 22.41 4.78
N THR B 236 10.49 23.34 5.46
CA THR B 236 11.18 24.56 5.89
C THR B 236 12.39 24.23 6.74
N LEU B 237 12.20 23.39 7.76
CA LEU B 237 13.30 23.05 8.66
C LEU B 237 14.42 22.36 7.89
N HIS B 238 14.08 21.39 7.06
CA HIS B 238 15.11 20.61 6.36
C HIS B 238 15.91 21.47 5.39
N PHE B 239 15.24 22.36 4.68
CA PHE B 239 15.91 23.14 3.64
C PHE B 239 16.41 24.49 4.12
N ARG B 240 16.23 24.83 5.40
CA ARG B 240 16.88 25.99 5.98
C ARG B 240 17.95 25.60 6.99
N LEU B 241 17.58 24.85 8.03
CA LEU B 241 18.54 24.49 9.06
C LEU B 241 19.44 23.33 8.62
N GLY B 242 18.93 22.45 7.76
CA GLY B 242 19.69 21.30 7.32
C GLY B 242 19.38 20.01 8.08
N TRP B 243 18.34 19.99 8.90
CA TRP B 243 18.00 18.79 9.65
C TRP B 243 17.59 17.67 8.69
N ASN B 244 17.83 16.43 9.13
CA ASN B 244 17.48 15.25 8.37
C ASN B 244 16.52 14.38 9.17
N LEU B 245 15.53 13.83 8.48
CA LEU B 245 14.55 12.98 9.16
C LEU B 245 15.23 11.74 9.71
N PRO B 246 14.92 11.32 10.93
CA PRO B 246 15.50 10.08 11.45
C PRO B 246 15.11 8.88 10.60
N GLU B 247 16.01 7.90 10.56
CA GLU B 247 15.77 6.71 9.73
C GLU B 247 14.50 5.98 10.15
N MET B 248 14.26 5.88 11.46
CA MET B 248 13.08 5.18 11.94
C MET B 248 11.81 5.83 11.41
N ILE B 249 11.69 7.15 11.55
CA ILE B 249 10.49 7.84 11.11
C ILE B 249 10.33 7.72 9.59
N ASP B 250 11.43 7.87 8.85
CA ASP B 250 11.34 7.79 7.39
C ASP B 250 10.87 6.40 6.96
N LYS B 251 11.43 5.35 7.56
CA LYS B 251 11.03 4.00 7.20
C LYS B 251 9.58 3.73 7.59
N SER B 252 9.16 4.21 8.76
CA SER B 252 7.77 4.01 9.18
C SER B 252 6.82 4.71 8.23
N ILE B 253 7.16 5.93 7.79
CA ILE B 253 6.30 6.64 6.85
C ILE B 253 6.26 5.91 5.51
N HIS B 254 7.43 5.45 5.03
CA HIS B 254 7.46 4.76 3.75
C HIS B 254 6.66 3.45 3.78
N LEU B 255 6.64 2.78 4.94
CA LEU B 255 5.91 1.52 5.03
C LEU B 255 4.48 1.66 4.54
N LEU B 256 3.84 2.78 4.84
CA LEU B 256 2.46 3.02 4.44
C LEU B 256 2.35 3.85 3.17
N SER B 257 3.28 4.78 2.96
CA SER B 257 3.17 5.69 1.81
C SER B 257 3.55 5.03 0.50
N ASP B 258 4.36 3.95 0.53
CA ASP B 258 4.79 3.32 -0.71
C ASP B 258 3.60 2.78 -1.49
N GLY B 259 2.64 2.17 -0.80
CA GLY B 259 1.50 1.58 -1.47
C GLY B 259 0.35 2.56 -1.63
N GLY B 260 0.63 3.85 -1.48
CA GLY B 260 -0.40 4.87 -1.54
C GLY B 260 -0.81 5.29 -2.94
N LEU B 261 -0.23 4.71 -3.98
CA LEU B 261 -0.58 5.00 -5.36
C LEU B 261 -1.26 3.82 -6.03
N GLY B 262 -0.64 2.64 -5.96
CA GLY B 262 -1.32 1.45 -6.45
C GLY B 262 -2.62 1.19 -5.72
N MET B 263 -2.61 1.34 -4.39
CA MET B 263 -3.85 1.16 -3.64
C MET B 263 -4.83 2.29 -3.91
N ALA B 264 -4.34 3.49 -4.21
CA ALA B 264 -5.25 4.57 -4.61
C ALA B 264 -5.98 4.21 -5.90
N MET B 265 -5.25 3.69 -6.88
CA MET B 265 -5.88 3.26 -8.12
C MET B 265 -6.83 2.09 -7.88
N PHE B 266 -6.45 1.19 -6.98
CA PHE B 266 -7.32 0.08 -6.63
C PHE B 266 -8.64 0.58 -6.03
N SER B 267 -8.56 1.56 -5.13
CA SER B 267 -9.74 2.13 -4.53
C SER B 267 -10.60 2.85 -5.57
N LEU B 268 -9.94 3.52 -6.52
CA LEU B 268 -10.68 4.15 -7.61
C LEU B 268 -11.44 3.11 -8.42
N GLY B 269 -10.79 1.98 -8.70
CA GLY B 269 -11.47 0.91 -9.41
C GLY B 269 -12.64 0.34 -8.64
N LEU B 270 -12.46 0.17 -7.32
CA LEU B 270 -13.56 -0.29 -6.48
C LEU B 270 -14.73 0.68 -6.53
N PHE B 271 -14.44 1.99 -6.45
CA PHE B 271 -15.50 2.98 -6.51
C PHE B 271 -16.21 2.95 -7.86
N MET B 272 -15.45 2.81 -8.94
CA MET B 272 -16.06 2.70 -10.26
C MET B 272 -16.97 1.47 -10.34
N ALA B 273 -16.53 0.35 -9.79
CA ALA B 273 -17.37 -0.84 -9.76
C ALA B 273 -18.63 -0.61 -8.94
N SER B 274 -18.54 0.18 -7.87
CA SER B 274 -19.69 0.44 -7.02
C SER B 274 -20.80 1.14 -7.81
N GLN B 275 -20.44 2.11 -8.64
CA GLN B 275 -21.44 2.86 -9.39
C GLN B 275 -22.13 1.97 -10.40
N SER B 276 -23.36 2.34 -10.75
CA SER B 276 -24.17 1.50 -11.64
C SER B 276 -23.66 1.49 -13.07
N SER B 277 -23.07 2.59 -13.54
CA SER B 277 -22.60 2.67 -14.92
C SER B 277 -21.54 3.76 -15.02
N ILE B 278 -20.79 3.71 -16.13
CA ILE B 278 -19.74 4.70 -16.38
C ILE B 278 -20.38 6.07 -16.47
N ILE B 279 -21.34 6.23 -17.38
CA ILE B 279 -22.04 7.50 -17.55
C ILE B 279 -23.26 7.52 -16.64
N ALA B 280 -23.06 7.89 -15.38
CA ALA B 280 -24.17 7.93 -14.42
C ALA B 280 -25.21 8.98 -14.82
N CYS B 281 -24.74 10.16 -15.23
CA CYS B 281 -25.65 11.21 -15.64
C CYS B 281 -26.04 11.04 -17.11
N GLY B 282 -26.71 12.04 -17.67
CA GLY B 282 -27.09 11.98 -19.07
C GLY B 282 -25.99 12.47 -19.99
N THR B 283 -26.15 12.26 -21.29
CA THR B 283 -25.15 12.73 -22.24
C THR B 283 -25.01 14.25 -22.17
N LYS B 284 -26.11 14.95 -21.92
CA LYS B 284 -26.08 16.41 -21.88
C LYS B 284 -25.03 16.91 -20.91
N MET B 285 -24.98 16.35 -19.70
CA MET B 285 -24.02 16.73 -18.68
C MET B 285 -22.85 15.76 -18.62
N ALA B 286 -22.66 14.97 -19.67
CA ALA B 286 -21.51 14.06 -19.78
C ALA B 286 -20.53 14.48 -20.85
N ILE B 287 -21.01 14.88 -22.04
CA ILE B 287 -20.12 15.43 -23.06
C ILE B 287 -19.65 16.84 -22.71
N ILE B 288 -20.21 17.44 -21.67
CA ILE B 288 -19.75 18.74 -21.20
C ILE B 288 -18.70 18.62 -20.11
N THR B 289 -18.76 17.58 -19.27
CA THR B 289 -17.76 17.40 -18.23
C THR B 289 -16.38 17.13 -18.82
N MET B 290 -16.31 16.31 -19.87
CA MET B 290 -15.04 16.09 -20.57
C MET B 290 -14.50 17.34 -21.24
N LEU B 291 -15.36 18.15 -21.85
CA LEU B 291 -14.94 19.37 -22.50
C LEU B 291 -14.58 20.47 -21.50
N LEU B 292 -15.07 20.37 -20.27
CA LEU B 292 -14.70 21.30 -19.21
C LEU B 292 -13.38 20.94 -18.55
N LYS B 293 -12.79 19.80 -18.91
CA LYS B 293 -11.53 19.34 -18.33
C LYS B 293 -10.42 19.19 -19.37
N PHE B 294 -10.71 18.69 -20.56
CA PHE B 294 -9.70 18.44 -21.57
C PHE B 294 -9.69 19.49 -22.68
N VAL B 295 -10.58 20.47 -22.62
CA VAL B 295 -10.62 21.54 -23.62
C VAL B 295 -10.53 22.90 -22.94
N LEU B 296 -11.48 23.18 -22.04
CA LEU B 296 -11.54 24.48 -21.41
C LEU B 296 -10.44 24.71 -20.39
N GLY B 297 -10.16 23.74 -19.53
CA GLY B 297 -9.15 23.90 -18.52
C GLY B 297 -7.77 24.11 -19.10
N PRO B 298 -7.34 23.21 -19.99
CA PRO B 298 -6.05 23.39 -20.66
C PRO B 298 -5.96 24.66 -21.48
N ALA B 299 -7.06 25.08 -22.11
CA ALA B 299 -7.04 26.32 -22.89
C ALA B 299 -6.84 27.53 -21.98
N LEU B 300 -7.59 27.59 -20.89
CA LEU B 300 -7.44 28.70 -19.96
C LEU B 300 -6.12 28.66 -19.21
N MET B 301 -5.49 27.48 -19.08
CA MET B 301 -4.15 27.37 -18.54
C MET B 301 -3.08 27.80 -19.54
N ILE B 302 -3.26 27.49 -20.82
CA ILE B 302 -2.39 28.02 -21.85
C ILE B 302 -2.46 29.54 -21.91
N ALA B 303 -3.65 30.12 -21.77
CA ALA B 303 -3.79 31.56 -21.70
C ALA B 303 -3.04 32.15 -20.50
N SER B 304 -3.14 31.50 -19.34
CA SER B 304 -2.41 31.95 -18.17
C SER B 304 -0.90 31.87 -18.40
N ALA B 305 -0.45 30.77 -19.00
CA ALA B 305 0.98 30.60 -19.28
C ALA B 305 1.51 31.64 -20.26
N TYR B 306 0.69 32.08 -21.22
CA TYR B 306 1.09 33.14 -22.14
C TYR B 306 1.08 34.50 -21.45
N CYS B 307 0.09 34.75 -20.59
CA CYS B 307 0.04 36.02 -19.87
C CYS B 307 1.24 36.15 -18.93
N ILE B 308 1.60 35.07 -18.23
CA ILE B 308 2.72 35.11 -17.29
C ILE B 308 4.06 34.89 -17.97
N ARG B 309 4.07 34.48 -19.24
CA ARG B 309 5.31 34.33 -20.00
C ARG B 309 6.11 33.11 -19.54
N LEU B 310 5.42 32.04 -19.16
CA LEU B 310 6.10 30.80 -18.85
C LEU B 310 6.73 30.22 -20.11
N LYS B 311 7.94 29.67 -19.97
CA LYS B 311 8.68 29.15 -21.11
C LYS B 311 9.41 27.88 -20.70
N SER B 312 9.77 27.06 -21.68
CA SER B 312 10.59 25.88 -21.47
C SER B 312 9.81 24.81 -20.72
N THR B 313 10.51 23.90 -20.04
CA THR B 313 9.88 22.76 -19.38
C THR B 313 8.78 23.21 -18.44
N LEU B 314 8.91 24.43 -17.89
CA LEU B 314 7.89 24.98 -16.99
C LEU B 314 6.59 25.30 -17.71
N PHE B 315 6.55 25.17 -19.04
CA PHE B 315 5.35 25.42 -19.82
C PHE B 315 4.76 24.11 -20.30
N LYS B 316 5.61 23.28 -20.93
CA LYS B 316 5.17 21.99 -21.44
C LYS B 316 4.73 21.08 -20.30
N VAL B 317 5.12 21.43 -19.07
CA VAL B 317 4.66 20.72 -17.89
C VAL B 317 3.51 21.45 -17.20
N ALA B 318 3.50 22.78 -17.19
CA ALA B 318 2.46 23.53 -16.52
C ALA B 318 1.11 23.43 -17.24
N ILE B 319 1.11 23.28 -18.56
CA ILE B 319 -0.14 23.07 -19.30
C ILE B 319 -0.51 21.60 -19.33
N LEU B 320 0.49 20.72 -19.46
CA LEU B 320 0.19 19.29 -19.52
C LEU B 320 -0.46 18.79 -18.23
N GLN B 321 -0.12 19.37 -17.08
CA GLN B 321 -0.68 18.93 -15.81
C GLN B 321 -2.16 19.27 -15.67
N ALA B 322 -2.67 20.25 -16.42
CA ALA B 322 -4.07 20.60 -16.38
C ALA B 322 -4.94 19.69 -17.22
N ALA B 323 -4.36 18.90 -18.11
CA ALA B 323 -5.10 17.97 -18.94
C ALA B 323 -5.32 16.62 -18.28
N LEU B 324 -4.74 16.39 -17.10
CA LEU B 324 -4.92 15.15 -16.38
C LEU B 324 -6.34 15.07 -15.84
N PRO B 325 -6.89 13.87 -15.67
CA PRO B 325 -8.29 13.75 -15.25
C PRO B 325 -8.53 14.32 -13.87
N GLN B 326 -9.80 14.32 -13.45
CA GLN B 326 -10.19 14.95 -12.19
C GLN B 326 -9.75 14.12 -11.00
N GLY B 327 -9.60 14.79 -9.85
CA GLY B 327 -9.28 14.11 -8.61
C GLY B 327 -10.51 13.55 -7.93
N VAL B 328 -10.28 12.93 -6.77
CA VAL B 328 -11.34 12.30 -6.01
C VAL B 328 -11.79 13.12 -4.80
N VAL B 329 -10.91 13.96 -4.24
CA VAL B 329 -11.31 14.80 -3.12
C VAL B 329 -12.53 15.65 -3.46
N PRO B 330 -12.60 16.32 -4.61
CA PRO B 330 -13.85 17.04 -4.94
C PRO B 330 -15.06 16.14 -4.93
N PHE B 331 -14.93 14.90 -5.40
CA PHE B 331 -16.06 13.98 -5.33
C PHE B 331 -16.43 13.68 -3.90
N VAL B 332 -15.45 13.53 -3.01
CA VAL B 332 -15.74 13.27 -1.61
C VAL B 332 -16.52 14.42 -1.01
N PHE B 333 -16.07 15.65 -1.28
CA PHE B 333 -16.78 16.82 -0.77
C PHE B 333 -18.19 16.90 -1.32
N ALA B 334 -18.35 16.64 -2.62
CA ALA B 334 -19.68 16.72 -3.23
C ALA B 334 -20.61 15.67 -2.62
N LYS B 335 -20.12 14.45 -2.43
CA LYS B 335 -20.95 13.41 -1.82
C LYS B 335 -21.32 13.78 -0.40
N GLU B 336 -20.37 14.28 0.38
CA GLU B 336 -20.67 14.65 1.76
C GLU B 336 -21.69 15.78 1.84
N TYR B 337 -21.56 16.79 0.98
CA TYR B 337 -22.46 17.93 0.98
C TYR B 337 -23.64 17.75 0.02
N ASN B 338 -23.63 16.69 -0.80
CA ASN B 338 -24.73 16.41 -1.72
C ASN B 338 -24.90 17.54 -2.72
N LEU B 339 -23.80 17.98 -3.32
CA LEU B 339 -23.81 19.02 -4.36
C LEU B 339 -23.46 18.36 -5.69
N HIS B 340 -24.49 17.94 -6.42
CA HIS B 340 -24.34 17.31 -7.72
C HIS B 340 -23.31 16.18 -7.68
N PRO B 341 -23.57 15.12 -6.91
CA PRO B 341 -22.63 14.00 -6.85
C PRO B 341 -22.71 13.06 -8.05
N GLU B 342 -23.63 13.30 -8.98
CA GLU B 342 -23.78 12.45 -10.16
C GLU B 342 -23.03 12.98 -11.38
N ILE B 343 -22.57 14.22 -11.35
CA ILE B 343 -21.75 14.78 -12.41
C ILE B 343 -20.27 14.72 -12.07
N ILE B 344 -19.91 15.05 -10.82
CA ILE B 344 -18.53 14.92 -10.37
C ILE B 344 -18.06 13.48 -10.33
N SER B 345 -18.98 12.53 -10.11
CA SER B 345 -18.66 11.12 -10.24
C SER B 345 -18.49 10.68 -11.68
N THR B 346 -19.38 11.13 -12.57
CA THR B 346 -19.24 10.81 -13.98
C THR B 346 -17.93 11.33 -14.55
N GLY B 347 -17.56 12.56 -14.21
CA GLY B 347 -16.31 13.12 -14.69
C GLY B 347 -15.11 12.35 -14.20
N VAL B 348 -15.09 12.05 -12.90
CA VAL B 348 -13.97 11.32 -12.31
C VAL B 348 -13.86 9.93 -12.90
N ILE B 349 -14.97 9.28 -13.22
CA ILE B 349 -14.93 7.93 -13.75
C ILE B 349 -14.57 7.92 -15.24
N PHE B 350 -15.03 8.91 -16.00
CA PHE B 350 -14.84 8.93 -17.45
C PHE B 350 -13.60 9.71 -17.85
N GLY B 351 -12.86 10.26 -16.89
CA GLY B 351 -11.56 10.83 -17.19
C GLY B 351 -10.46 9.82 -16.93
N MET B 352 -10.66 8.97 -15.91
CA MET B 352 -9.70 7.91 -15.67
C MET B 352 -9.61 6.99 -16.88
N LEU B 353 -10.74 6.73 -17.54
CA LEU B 353 -10.73 5.95 -18.77
C LEU B 353 -9.95 6.67 -19.86
N ILE B 354 -10.46 7.80 -20.36
CA ILE B 354 -9.71 8.57 -21.35
C ILE B 354 -8.89 9.64 -20.67
N ALA B 355 -7.82 9.23 -20.00
CA ALA B 355 -6.68 10.09 -19.68
C ALA B 355 -5.54 9.94 -20.66
N LEU B 356 -5.08 8.71 -20.91
CA LEU B 356 -4.02 8.50 -21.88
C LEU B 356 -4.41 8.94 -23.28
N PRO B 357 -5.59 8.61 -23.80
CA PRO B 357 -5.96 9.11 -25.14
C PRO B 357 -5.93 10.63 -25.24
N THR B 358 -6.38 11.32 -24.21
CA THR B 358 -6.42 12.78 -24.21
C THR B 358 -5.14 13.41 -23.66
N THR B 359 -4.24 12.60 -23.11
CA THR B 359 -2.92 13.08 -22.71
C THR B 359 -1.89 12.98 -23.81
N LEU B 360 -1.91 11.89 -24.59
CA LEU B 360 -1.04 11.80 -25.76
C LEU B 360 -1.35 12.90 -26.76
N ALA B 361 -2.64 13.25 -26.89
CA ALA B 361 -3.02 14.32 -27.80
C ALA B 361 -2.34 15.64 -27.42
N TYR B 362 -2.41 16.00 -26.14
CA TYR B 362 -1.79 17.24 -25.69
C TYR B 362 -0.28 17.15 -25.76
N TYR B 363 0.29 15.98 -25.48
CA TYR B 363 1.73 15.81 -25.58
C TYR B 363 2.21 16.04 -27.02
N PHE B 364 1.47 15.52 -27.99
CA PHE B 364 1.81 15.75 -29.39
C PHE B 364 1.58 17.20 -29.78
N LEU B 365 0.48 17.81 -29.32
CA LEU B 365 0.17 19.18 -29.71
C LEU B 365 1.22 20.16 -29.21
N LEU B 366 1.61 20.04 -27.93
CA LEU B 366 2.52 21.01 -27.33
C LEU B 366 3.91 20.98 -27.95
N ASP B 367 4.29 19.89 -28.64
CA ASP B 367 5.64 19.81 -29.19
C ASP B 367 5.86 20.81 -30.30
N LEU B 368 4.83 21.08 -31.10
CA LEU B 368 4.93 22.05 -32.19
C LEU B 368 5.28 23.43 -31.64
C1 CFA C . -6.18 13.42 -5.73
C2 CFA C . -6.92 12.09 -5.88
C1' CFA C . -7.04 10.27 -4.41
C2' CFA C . -7.49 10.74 -3.19
C3' CFA C . -8.30 9.93 -2.40
C4' CFA C . -8.65 8.67 -2.84
C5' CFA C . -8.20 8.20 -4.06
CL3 CFA C . -7.03 12.36 -2.64
C6' CFA C . -7.39 9.01 -4.85
O1 CFA C . -6.78 14.50 -5.97
O2 CFA C . -4.98 13.44 -5.35
O1' CFA C . -6.22 11.09 -5.20
CL4 CFA C . -9.70 7.63 -1.83
H2C1 CFA C . -7.92 12.19 -5.45
H2C2 CFA C . -7.00 11.83 -6.92
H3' CFA C . -8.66 10.29 -1.44
H5' CFA C . -8.48 7.22 -4.41
H6' CFA C . -7.03 8.65 -5.80
S DMS D . -13.88 7.29 -2.21
O DMS D . -13.35 7.30 -3.62
C1 DMS D . -15.39 8.30 -2.20
C2 DMS D . -12.88 8.44 -1.23
H11 DMS D . -15.63 8.48 -1.26
H12 DMS D . -15.22 9.15 -2.65
H13 DMS D . -16.11 7.82 -2.64
H21 DMS D . -13.46 8.95 -0.66
H22 DMS D . -12.24 7.94 -0.70
H23 DMS D . -12.40 9.06 -1.83
C1 DLP E . -4.36 9.91 10.50
C2 DLP E . -3.31 11.02 10.36
C3 DLP E . -2.59 11.21 11.69
C4 DLP E . -8.28 11.16 11.69
C5 DLP E . -9.62 11.40 10.99
C6 DLP E . -10.82 12.41 12.85
C7 DLP E . -10.69 10.01 12.67
C8 DLP E . -12.00 11.27 11.11
C11 DLP E . -4.36 12.50 12.74
C12 DLP E . -5.56 12.53 13.63
C13 DLP E . -6.43 13.74 13.29
C14 DLP E . -7.53 13.92 14.34
C15 DLP E . -6.91 14.35 15.67
C16 DLP E . -7.69 15.52 16.27
C17 DLP E . -6.94 16.05 17.49
C18 DLP E . -5.69 16.84 17.05
C19 DLP E . -4.45 16.07 17.44
C20 DLP E . -3.61 15.68 16.51
C21 DLP E . -2.37 14.92 16.88
C22 DLP E . -1.22 15.45 16.06
C23 DLP E . -0.53 14.65 15.28
C24 DLP E . 0.61 15.18 14.47
C25 DLP E . 1.93 14.62 14.98
C26 DLP E . 3.02 15.69 14.83
C27 DLP E . 4.41 15.04 14.97
C28 DLP E . 5.48 16.14 14.93
C31 DLP E . -1.05 10.62 9.51
C32 DLP E . -0.23 11.88 9.44
C33 DLP E . 1.12 11.56 8.80
C34 DLP E . 1.89 12.86 8.51
C35 DLP E . 2.60 13.33 9.77
C36 DLP E . 3.97 12.65 9.90
C37 DLP E . 4.71 13.26 11.09
C38 DLP E . 6.20 12.92 11.03
C39 DLP E . 6.94 13.89 11.91
C40 DLP E . 7.62 14.87 11.37
C41 DLP E . 8.36 15.84 12.27
C42 DLP E . 9.76 15.36 12.52
C43 DLP E . 10.65 16.18 13.01
C44 DLP E . 12.06 15.71 13.26
C45 DLP E . 12.19 15.31 14.73
C46 DLP E . 12.71 13.87 14.82
C47 DLP E . 12.99 13.49 16.28
C48 DLP E . 11.66 13.42 17.05
N DLP E . -10.77 11.28 11.91
O2 DLP E . -2.38 10.66 9.30
O3 DLP E . -3.57 11.42 12.75
O11 DLP E . -4.09 13.44 12.04
O31 DLP E . -0.52 9.56 9.76
O1P DLP E . -7.15 9.61 9.33
O2P DLP E . -6.28 7.99 11.06
O3P DLP E . -5.52 10.44 11.15
O4P DLP E . -8.00 9.77 11.76
P DLP E . -6.74 9.45 10.81
HC11 DLP E . -3.95 9.09 11.09
HC12 DLP E . -4.63 9.55 9.50
HC2 DLP E . -3.81 11.96 10.08
HC31 DLP E . -1.93 12.08 11.64
HC32 DLP E . -1.99 10.32 11.93
HC41 DLP E . -8.30 11.58 12.69
HC42 DLP E . -7.49 11.67 11.11
HC51 DLP E . -9.63 12.39 10.56
HC52 DLP E . -9.73 10.66 10.19
HC61 DLP E . -10.09 12.28 13.65
HC62 DLP E . -11.82 12.48 13.28
HC63 DLP E . -10.60 13.33 12.32
HC71 DLP E . -10.43 9.20 11.98
HC72 DLP E . -11.66 9.80 13.11
HC73 DLP E . -9.93 10.09 13.45
HC81 DLP E . -12.00 10.40 10.45
HC82 DLP E . -12.86 11.23 11.77
HC83 DLP E . -12.04 12.17 10.50
H121 DLP E . -6.14 11.62 13.48
H122 DLP E . -5.25 12.59 14.67
H131 DLP E . -6.89 13.60 12.31
H132 DLP E . -5.82 14.64 13.26
H141 DLP E . -8.24 14.68 14.01
H142 DLP E . -8.06 12.98 14.48
H151 DLP E . -6.93 13.52 16.37
H152 DLP E . -5.88 14.65 15.50
H161 DLP E . -8.68 15.18 16.57
H162 DLP E . -7.79 16.31 15.53
H171 DLP E . -7.59 16.72 18.06
H172 DLP E . -6.63 15.22 18.12
H181 DLP E . -5.71 16.97 15.97
H182 DLP E . -5.69 17.81 17.53
H19 DLP E . -4.25 15.86 18.47
H20 DLP E . -3.81 15.89 15.48
H211 DLP E . -2.15 15.07 17.94
H212 DLP E . -2.51 13.86 16.68
H22 DLP E . -0.96 16.50 16.11
H23 DLP E . -0.79 13.60 15.23
H241 DLP E . 0.48 14.89 13.42
H242 DLP E . 0.63 16.27 14.53
H251 DLP E . 2.21 13.74 14.39
H252 DLP E . 1.83 14.34 16.03
H261 DLP E . 2.93 16.17 13.86
H262 DLP E . 2.90 16.44 15.61
H271 DLP E . 4.47 14.50 15.91
H272 DLP E . 4.57 14.36 14.13
H281 DLP E . 6.46 15.68 15.06
H282 DLP E . 5.30 16.84 15.74
H283 DLP E . 5.44 16.66 13.98
H321 DLP E . -0.75 12.62 8.84
H322 DLP E . -0.07 12.26 10.44
H331 DLP E . 1.70 10.93 9.47
H332 DLP E . 0.96 11.03 7.85
H341 DLP E . 1.19 13.63 8.17
H342 DLP E . 2.62 12.67 7.73
H351 DLP E . 2.00 13.09 10.65
H352 DLP E . 2.73 14.42 9.73
H361 DLP E . 3.83 11.59 10.06
H362 DLP E . 4.54 12.82 8.99
H371 DLP E . 4.29 12.88 12.02
H372 DLP E . 4.59 14.34 11.08
H381 DLP E . 6.56 13.00 10.00
H382 DLP E . 6.35 11.90 11.39
H39 DLP E . 6.91 13.77 12.98
H40 DLP E . 7.66 14.99 10.30
H411 DLP E . 7.83 15.93 13.21
H412 DLP E . 8.39 16.82 11.78
H42 DLP E . 10.03 14.33 12.30
H43 DLP E . 10.39 17.20 13.23
H441 DLP E . 12.76 16.51 13.04
H442 DLP E . 12.28 14.85 12.63
H451 DLP E . 11.22 15.38 15.21
H452 DLP E . 12.89 15.97 15.23
H461 DLP E . 13.64 13.79 14.24
H462 DLP E . 11.96 13.19 14.41
H471 DLP E . 13.49 12.53 16.32
H472 DLP E . 13.63 14.25 16.74
H481 DLP E . 11.31 14.43 17.27
H482 DLP E . 11.83 12.89 18.00
H483 DLP E . 10.93 12.89 16.47
#